data_9BHL
#
_entry.id   9BHL
#
_cell.length_a   1.00
_cell.length_b   1.00
_cell.length_c   1.00
_cell.angle_alpha   90.00
_cell.angle_beta   90.00
_cell.angle_gamma   90.00
#
_symmetry.space_group_name_H-M   'P 1'
#
loop_
_entity.id
_entity.type
_entity.pdbx_description
1 polymer 'Guanine nucleotide-binding protein G(s) subunit alpha isoforms short'
2 polymer 'Guanine nucleotide-binding protein G(I)/G(S)/G(T) subunit beta-1'
3 polymer 'Nanobody 35'
4 polymer 'Psychosine receptor'
#
loop_
_entity_poly.entity_id
_entity_poly.type
_entity_poly.pdbx_seq_one_letter_code
_entity_poly.pdbx_strand_id
1 'polypeptide(L)'
;GGSLEVLFQGPSGNSKTEDQRNEEKAQREANKKIEKQLQKDKQVYRATHRLLLLGADNSGKSTIVKQMRILHGGSGGSGG
TSGIFETKFQVDKVNFHMFDVGGQRDERRKWIQCFNDVTAIIFVVDSSDYNRLQEALNLFKSIWNNRWLRTISVILFLNK
QDLLAEKVLAGKSKIEDYFPEFARYTTPEDATPEPGEDPRVTRAKYFIRDEFLRISTASGDGRHYCYPHFTCAVDTENAR
RIFNDCRDIIQRMHLRQYELL
;
A
2 'polypeptide(L)'
;MHHHHHHLEVLFQGPEDQVDPRLIDGKGSSQSELDQLRQEAEQLKNQIRDARKACADATLSQITNNIDPVGRIQMRTRRT
LRGHLAKIYAMHWGTDSRLLVSASQDGKLIIWDSYTTNKVHAIPLRSSWVMTCAYAPSGNYVACGGLDNICSIYNLKTRE
GNVRVSRELAGHTGYLSCCRFLDDNQIVTSSGDTTCALWDIETGQQTTTFTGHTGDVMSLSLAPDTRLFVSGACDASAKL
WDVREGMCRQTFTGHESDINAICFFPNGNAFATGSDDATCRLFDLRADQELMTYSHDNIICGITSVSFSKSGRLLLAGYD
DFNCNVWDALKADRAGVLAGHDNRVSCLGVTDDGMAVATGSWDSFLKIWN
;
B
3 'polypeptide(L)'
;QVQLQESGGGLVQPGGSLRLSCAASGFTFSNYKMNWVRQAPGKGLEWVSDISQSGASISYTGSVKGRFTISRDNAKNTLY
LQMNSLKPEDTAVYYCARCPAPFTRDCFDVTSTTYAYRGQGTQVTVSSGSEDQVDPRLIDGK
;
N
4 'polypeptide(L)'
;DYKDDDDASIDMNSTCIEEQHDLDHYLFPIVYIFVIIVSIPANIGSLCVSFLQAKKESELGIYLFSLSLSDLLYALTLPL
WIDYTWNKDNWTFSPALCKGSAFLMYMNFYSSTAFLTCIAVDRYLAVVYPLKFFFLRTRRFALMVSLSIWILETIFNAVM
LWEDETVVEYCDAEKSNFTLCYDKYPLEKWQINLNLFRTCTGYAIPLVTILICNRKVYQAVRHNKATENKEKKRIIKLLV
SITVTFVLCFTPFHVMLLIRCILEHAVNFEDHSNSGKRTYTMYRITVALTSLNCVADPILYCFVTETGRYDMWNILKFCT
GRCNTSQRQRKRILSVSTKDTMELEVLE
;
R
#
# COMPACT_ATOMS: atom_id res chain seq x y z
N THR A 17 -22.93 33.83 -26.71
CA THR A 17 -22.46 32.66 -25.92
C THR A 17 -21.16 32.98 -25.18
N GLU A 18 -21.05 34.23 -24.70
CA GLU A 18 -19.85 34.65 -24.01
C GLU A 18 -19.56 33.79 -22.79
N ASP A 19 -20.58 33.18 -22.21
CA ASP A 19 -20.36 32.28 -21.07
C ASP A 19 -19.47 31.10 -21.48
N GLN A 20 -19.74 30.52 -22.66
CA GLN A 20 -18.91 29.43 -23.13
C GLN A 20 -17.49 29.90 -23.42
N ARG A 21 -17.33 31.10 -23.99
CA ARG A 21 -16.00 31.63 -24.22
C ARG A 21 -15.23 31.77 -22.91
N ASN A 22 -15.88 32.33 -21.90
CA ASN A 22 -15.23 32.50 -20.61
C ASN A 22 -14.89 31.16 -19.98
N GLU A 23 -15.79 30.18 -20.09
CA GLU A 23 -15.50 28.85 -19.55
C GLU A 23 -14.28 28.25 -20.24
N GLU A 24 -14.24 28.32 -21.58
CA GLU A 24 -13.11 27.77 -22.31
C GLU A 24 -11.82 28.47 -21.93
N LYS A 25 -11.84 29.79 -21.85
CA LYS A 25 -10.63 30.54 -21.50
C LYS A 25 -10.16 30.15 -20.10
N ALA A 26 -11.07 30.14 -19.14
CA ALA A 26 -10.70 29.79 -17.77
C ALA A 26 -10.11 28.39 -17.71
N GLN A 27 -10.79 27.42 -18.34
CA GLN A 27 -10.31 26.06 -18.33
C GLN A 27 -8.92 25.96 -18.92
N ARG A 28 -8.74 26.49 -20.13
CA ARG A 28 -7.46 26.38 -20.80
C ARG A 28 -6.35 27.03 -19.98
N GLU A 29 -6.59 28.25 -19.52
CA GLU A 29 -5.55 28.99 -18.81
C GLU A 29 -5.20 28.33 -17.48
N ALA A 30 -6.21 27.82 -16.77
CA ALA A 30 -5.97 27.35 -15.41
C ALA A 30 -5.52 25.88 -15.40
N ASN A 31 -6.34 24.99 -15.94
CA ASN A 31 -6.09 23.57 -15.75
C ASN A 31 -4.80 23.14 -16.43
N LYS A 32 -4.58 23.55 -17.68
CA LYS A 32 -3.34 23.17 -18.35
C LYS A 32 -2.12 23.64 -17.55
N LYS A 33 -2.10 24.92 -17.18
CA LYS A 33 -0.97 25.47 -16.46
C LYS A 33 -0.71 24.72 -15.16
N ILE A 34 -1.74 24.62 -14.32
CA ILE A 34 -1.51 24.08 -12.99
C ILE A 34 -1.30 22.58 -13.04
N GLU A 35 -1.80 21.91 -14.07
CA GLU A 35 -1.56 20.47 -14.20
C GLU A 35 -0.15 20.21 -14.71
N LYS A 36 0.38 21.09 -15.57
CA LYS A 36 1.78 21.00 -15.91
C LYS A 36 2.64 21.18 -14.66
N GLN A 37 2.30 22.19 -13.84
CA GLN A 37 3.00 22.36 -12.57
C GLN A 37 2.87 21.13 -11.70
N LEU A 38 1.69 20.52 -11.69
CA LEU A 38 1.44 19.37 -10.83
C LEU A 38 2.27 18.16 -11.27
N GLN A 39 2.39 17.94 -12.58
CA GLN A 39 3.29 16.88 -13.05
C GLN A 39 4.73 17.19 -12.67
N LYS A 40 5.15 18.44 -12.82
CA LYS A 40 6.50 18.81 -12.43
C LYS A 40 6.75 18.47 -10.97
N ASP A 41 5.76 18.74 -10.12
CA ASP A 41 5.91 18.47 -8.69
C ASP A 41 5.79 16.99 -8.36
N LYS A 42 5.00 16.24 -9.12
CA LYS A 42 4.93 14.80 -8.92
C LYS A 42 6.26 14.14 -9.22
N GLN A 43 6.93 14.59 -10.27
CA GLN A 43 8.27 14.08 -10.57
C GLN A 43 9.15 14.16 -9.33
N VAL A 44 9.08 15.28 -8.61
CA VAL A 44 9.85 15.43 -7.38
C VAL A 44 9.30 14.52 -6.30
N TYR A 45 7.97 14.43 -6.20
CA TYR A 45 7.36 13.71 -5.10
C TYR A 45 7.75 12.24 -5.09
N ARG A 46 7.72 11.59 -6.25
CA ARG A 46 8.08 10.18 -6.29
C ARG A 46 9.54 9.95 -5.88
N ALA A 47 10.45 10.84 -6.29
CA ALA A 47 11.86 10.62 -6.05
C ALA A 47 12.22 10.70 -4.57
N THR A 48 11.33 11.20 -3.72
CA THR A 48 11.60 11.40 -2.31
C THR A 48 10.91 10.31 -1.50
N HIS A 49 11.65 9.71 -0.57
CA HIS A 49 11.16 8.62 0.27
C HIS A 49 10.96 9.11 1.70
N ARG A 50 9.92 8.59 2.34
CA ARG A 50 9.49 9.08 3.65
C ARG A 50 9.51 7.94 4.65
N LEU A 51 10.03 8.21 5.85
CA LEU A 51 10.24 7.18 6.86
C LEU A 51 9.77 7.71 8.21
N LEU A 52 9.13 6.84 8.98
CA LEU A 52 8.70 7.17 10.33
C LEU A 52 9.70 6.64 11.34
N LEU A 53 9.86 7.36 12.44
CA LEU A 53 10.80 7.02 13.50
C LEU A 53 10.06 6.85 14.82
N LEU A 54 10.40 5.80 15.56
CA LEU A 54 9.82 5.52 16.86
C LEU A 54 10.91 5.14 17.84
N GLY A 55 10.63 5.35 19.12
CA GLY A 55 11.57 5.03 20.17
C GLY A 55 11.14 5.53 21.53
N ALA A 56 11.78 5.03 22.58
CA ALA A 56 11.44 5.45 23.93
C ALA A 56 12.13 6.77 24.27
N ASP A 57 11.67 7.38 25.37
CA ASP A 57 12.19 8.68 25.76
C ASP A 57 13.69 8.60 26.07
N ASN A 58 14.11 7.55 26.77
CA ASN A 58 15.52 7.37 27.12
C ASN A 58 16.33 6.77 25.98
N SER A 59 15.69 6.42 24.87
CA SER A 59 16.40 5.95 23.70
C SER A 59 17.19 7.09 23.07
N GLY A 60 18.06 6.72 22.13
CA GLY A 60 18.91 7.68 21.45
C GLY A 60 18.36 8.22 20.15
N LYS A 61 17.05 8.13 19.93
CA LYS A 61 16.50 8.45 18.62
C LYS A 61 16.79 9.90 18.24
N SER A 62 16.63 10.82 19.19
CA SER A 62 16.93 12.22 18.89
C SER A 62 18.39 12.38 18.47
N THR A 63 19.30 11.74 19.21
CA THR A 63 20.71 11.80 18.86
C THR A 63 20.97 11.16 17.50
N ILE A 64 20.29 10.04 17.22
CA ILE A 64 20.47 9.37 15.94
C ILE A 64 20.07 10.31 14.80
N VAL A 65 18.90 10.94 14.94
CA VAL A 65 18.39 11.82 13.89
C VAL A 65 19.30 13.03 13.73
N LYS A 66 19.80 13.58 14.84
CA LYS A 66 20.71 14.71 14.76
C LYS A 66 21.99 14.32 14.04
N GLN A 67 22.51 13.13 14.33
CA GLN A 67 23.72 12.67 13.66
C GLN A 67 23.48 12.51 12.16
N MET A 68 22.34 11.95 11.77
CA MET A 68 22.05 11.81 10.35
C MET A 68 21.93 13.18 9.68
N ARG A 69 21.23 14.11 10.33
CA ARG A 69 21.06 15.44 9.75
C ARG A 69 22.40 16.14 9.60
N ILE A 70 23.28 15.99 10.59
CA ILE A 70 24.64 16.53 10.48
C ILE A 70 25.37 15.88 9.32
N LEU A 71 25.20 14.57 9.14
CA LEU A 71 25.76 13.88 7.98
C LEU A 71 25.18 14.40 6.68
N HIS A 72 23.97 14.99 6.72
CA HIS A 72 23.34 15.54 5.53
C HIS A 72 23.14 14.49 4.46
N SER A 78 16.19 20.96 10.45
CA SER A 78 14.86 20.39 10.60
C SER A 78 13.80 21.35 10.06
N GLY A 79 12.73 20.80 9.52
CA GLY A 79 11.67 21.60 8.94
C GLY A 79 10.59 22.04 9.90
N GLY A 80 10.71 21.75 11.18
CA GLY A 80 9.70 22.13 12.15
C GLY A 80 10.19 21.96 13.57
N THR A 81 9.47 22.60 14.48
CA THR A 81 9.79 22.54 15.90
C THR A 81 8.50 22.72 16.70
N SER A 82 8.54 22.30 17.95
CA SER A 82 7.36 22.32 18.82
C SER A 82 6.23 21.49 18.22
N GLY A 83 6.59 20.45 17.47
CA GLY A 83 5.63 19.62 16.78
C GLY A 83 6.34 18.48 16.07
N ILE A 84 5.97 18.20 14.84
CA ILE A 84 6.67 17.19 14.05
C ILE A 84 8.08 17.69 13.77
N PHE A 85 9.08 16.89 14.14
CA PHE A 85 10.47 17.25 13.91
C PHE A 85 10.94 16.64 12.58
N GLU A 86 10.41 17.22 11.50
CA GLU A 86 10.73 16.72 10.17
C GLU A 86 12.21 16.96 9.87
N THR A 87 12.81 16.04 9.12
CA THR A 87 14.22 16.13 8.79
C THR A 87 14.43 15.65 7.35
N LYS A 88 15.49 16.17 6.73
CA LYS A 88 15.88 15.82 5.38
C LYS A 88 17.28 15.23 5.38
N PHE A 89 17.50 14.27 4.50
CA PHE A 89 18.84 13.71 4.31
C PHE A 89 18.89 13.07 2.93
N GLN A 90 20.12 12.88 2.45
CA GLN A 90 20.34 12.40 1.10
C GLN A 90 21.44 11.34 1.10
N VAL A 91 21.24 10.30 0.30
CA VAL A 91 22.25 9.26 0.10
C VAL A 91 22.16 8.81 -1.36
N ASP A 92 23.32 8.75 -2.01
CA ASP A 92 23.40 8.32 -3.40
C ASP A 92 22.44 9.13 -4.27
N LYS A 93 22.36 10.43 -3.98
CA LYS A 93 21.53 11.37 -4.75
C LYS A 93 20.07 10.97 -4.78
N VAL A 94 19.61 10.19 -3.80
CA VAL A 94 18.20 9.90 -3.61
C VAL A 94 17.76 10.56 -2.31
N ASN A 95 16.83 11.50 -2.42
CA ASN A 95 16.45 12.35 -1.30
C ASN A 95 15.47 11.61 -0.40
N PHE A 96 15.65 11.79 0.91
CA PHE A 96 14.83 11.09 1.91
C PHE A 96 14.23 12.10 2.88
N HIS A 97 13.11 11.71 3.46
CA HIS A 97 12.50 12.42 4.59
C HIS A 97 12.37 11.49 5.77
N MET A 98 12.61 12.01 6.96
CA MET A 98 12.37 11.28 8.20
C MET A 98 11.60 12.18 9.16
N PHE A 99 10.62 11.60 9.83
CA PHE A 99 9.69 12.36 10.67
C PHE A 99 9.67 11.79 12.07
N ASP A 100 9.79 12.66 13.07
CA ASP A 100 9.73 12.28 14.48
C ASP A 100 8.58 13.03 15.13
N VAL A 101 7.59 12.29 15.62
CA VAL A 101 6.41 12.89 16.24
C VAL A 101 6.63 13.00 17.74
N GLY A 102 7.11 14.15 18.20
CA GLY A 102 7.36 14.35 19.61
C GLY A 102 6.37 15.30 20.27
N GLY A 103 5.54 15.95 19.47
CA GLY A 103 4.60 16.93 20.00
C GLY A 103 3.25 16.34 20.31
N GLN A 104 3.21 15.10 20.79
CA GLN A 104 1.98 14.42 21.12
C GLN A 104 2.13 13.73 22.47
N ARG A 105 0.99 13.50 23.14
CA ARG A 105 1.03 12.82 24.42
C ARG A 105 1.26 11.33 24.21
N ASP A 106 1.30 10.59 25.33
CA ASP A 106 1.87 9.26 25.33
C ASP A 106 1.07 8.24 24.51
N GLU A 107 -0.25 8.40 24.42
CA GLU A 107 -1.08 7.42 23.73
C GLU A 107 -0.79 7.46 22.23
N ARG A 108 -0.59 6.29 21.63
CA ARG A 108 -0.10 6.19 20.26
C ARG A 108 -1.10 5.57 19.30
N ARG A 109 -2.11 4.85 19.80
CA ARG A 109 -2.83 3.93 18.94
C ARG A 109 -3.57 4.63 17.81
N LYS A 110 -3.75 5.95 17.90
CA LYS A 110 -4.54 6.62 16.87
C LYS A 110 -3.66 7.36 15.86
N TRP A 111 -2.83 8.28 16.31
CA TRP A 111 -2.04 9.05 15.36
C TRP A 111 -0.98 8.21 14.68
N ILE A 112 -0.73 6.99 15.17
CA ILE A 112 0.32 6.17 14.58
C ILE A 112 -0.04 5.76 13.16
N GLN A 113 -1.31 5.48 12.89
CA GLN A 113 -1.69 4.95 11.59
C GLN A 113 -1.65 5.98 10.47
N CYS A 114 -1.21 7.22 10.75
CA CYS A 114 -1.02 8.17 9.66
C CYS A 114 0.13 7.75 8.75
N PHE A 115 1.00 6.86 9.22
CA PHE A 115 2.18 6.45 8.49
C PHE A 115 2.04 5.06 7.89
N ASN A 116 0.86 4.71 7.40
CA ASN A 116 0.62 3.37 6.88
C ASN A 116 1.28 3.16 5.53
N ASP A 117 1.76 4.22 4.90
CA ASP A 117 2.32 4.12 3.55
C ASP A 117 3.80 4.45 3.49
N VAL A 118 4.46 4.66 4.63
CA VAL A 118 5.89 4.91 4.60
C VAL A 118 6.60 3.66 4.09
N THR A 119 7.81 3.84 3.58
CA THR A 119 8.60 2.70 3.12
C THR A 119 8.90 1.76 4.27
N ALA A 120 9.27 2.29 5.43
CA ALA A 120 9.58 1.48 6.59
C ALA A 120 9.44 2.34 7.84
N ILE A 121 9.39 1.67 8.98
CA ILE A 121 9.30 2.33 10.29
C ILE A 121 10.56 2.01 11.06
N ILE A 122 11.24 3.03 11.54
CA ILE A 122 12.44 2.86 12.36
C ILE A 122 12.01 2.69 13.80
N PHE A 123 12.39 1.57 14.41
CA PHE A 123 12.00 1.25 15.78
C PHE A 123 13.26 1.10 16.62
N VAL A 124 13.38 1.91 17.67
CA VAL A 124 14.55 1.95 18.53
C VAL A 124 14.12 1.49 19.93
N VAL A 125 14.98 0.71 20.58
CA VAL A 125 14.71 0.18 21.90
C VAL A 125 15.91 0.46 22.79
N ASP A 126 15.67 0.61 24.09
CA ASP A 126 16.73 0.69 25.08
C ASP A 126 16.92 -0.69 25.70
N SER A 127 17.88 -1.45 25.19
CA SER A 127 18.15 -2.78 25.70
C SER A 127 18.80 -2.78 27.07
N SER A 128 19.57 -1.74 27.39
CA SER A 128 20.18 -1.67 28.71
C SER A 128 19.14 -1.51 29.81
N ASP A 129 18.08 -0.74 29.55
CA ASP A 129 17.02 -0.53 30.52
C ASP A 129 16.06 -1.72 30.46
N TYR A 130 16.37 -2.73 31.29
CA TYR A 130 15.63 -3.98 31.22
C TYR A 130 14.17 -3.79 31.64
N ASN A 131 13.89 -2.79 32.47
CA ASN A 131 12.51 -2.54 32.89
C ASN A 131 11.62 -2.24 31.68
N ARG A 132 12.08 -1.36 30.80
CA ARG A 132 11.31 -1.04 29.60
C ARG A 132 11.38 -2.13 28.55
N LEU A 133 12.33 -3.06 28.67
CA LEU A 133 12.45 -4.11 27.66
C LEU A 133 11.13 -4.85 27.48
N GLN A 134 10.42 -5.11 28.58
CA GLN A 134 9.10 -5.69 28.46
C GLN A 134 8.11 -4.70 27.87
N GLU A 135 8.21 -3.43 28.26
CA GLU A 135 7.32 -2.43 27.67
C GLU A 135 7.59 -2.28 26.17
N ALA A 136 8.87 -2.24 25.78
CA ALA A 136 9.21 -2.15 24.37
C ALA A 136 8.77 -3.41 23.64
N LEU A 137 8.88 -4.57 24.28
CA LEU A 137 8.43 -5.82 23.68
C LEU A 137 6.93 -5.78 23.41
N ASN A 138 6.16 -5.29 24.38
CA ASN A 138 4.71 -5.18 24.20
C ASN A 138 4.38 -4.20 23.09
N LEU A 139 5.07 -3.06 23.06
CA LEU A 139 4.84 -2.09 22.00
C LEU A 139 5.15 -2.67 20.63
N PHE A 140 6.25 -3.41 20.53
CA PHE A 140 6.64 -4.01 19.26
C PHE A 140 5.63 -5.09 18.84
N LYS A 141 5.14 -5.88 19.80
CA LYS A 141 4.04 -6.79 19.51
C LYS A 141 2.86 -6.04 18.91
N SER A 142 2.45 -4.95 19.57
CA SER A 142 1.30 -4.20 19.10
C SER A 142 1.52 -3.66 17.70
N ILE A 143 2.72 -3.13 17.43
CA ILE A 143 3.01 -2.60 16.09
C ILE A 143 2.98 -3.73 15.06
N TRP A 144 3.59 -4.86 15.39
CA TRP A 144 3.73 -5.93 14.41
C TRP A 144 2.38 -6.47 13.99
N ASN A 145 1.45 -6.62 14.92
CA ASN A 145 0.15 -7.21 14.65
C ASN A 145 -0.91 -6.18 14.29
N ASN A 146 -0.56 -4.90 14.22
CA ASN A 146 -1.57 -3.88 13.94
C ASN A 146 -2.13 -4.06 12.54
N ARG A 147 -3.43 -3.85 12.41
CA ARG A 147 -4.11 -4.09 11.14
C ARG A 147 -3.49 -3.27 10.01
N TRP A 148 -3.16 -2.00 10.29
CA TRP A 148 -2.70 -1.09 9.27
C TRP A 148 -1.18 -1.03 9.14
N LEU A 149 -0.47 -1.89 9.87
CA LEU A 149 0.98 -1.93 9.79
C LEU A 149 1.52 -3.31 9.45
N ARG A 150 0.66 -4.30 9.20
CA ARG A 150 1.13 -5.63 8.83
C ARG A 150 1.90 -5.63 7.52
N THR A 151 1.70 -4.64 6.66
CA THR A 151 2.39 -4.57 5.38
C THR A 151 3.59 -3.65 5.38
N ILE A 152 3.86 -2.96 6.49
CA ILE A 152 4.94 -1.99 6.56
C ILE A 152 6.09 -2.64 7.31
N SER A 153 7.20 -2.86 6.62
CA SER A 153 8.38 -3.41 7.27
C SER A 153 8.85 -2.49 8.37
N VAL A 154 9.44 -3.07 9.39
CA VAL A 154 9.97 -2.33 10.53
C VAL A 154 11.46 -2.64 10.65
N ILE A 155 12.24 -1.61 10.93
CA ILE A 155 13.68 -1.76 11.19
C ILE A 155 13.87 -1.69 12.70
N LEU A 156 14.56 -2.67 13.25
CA LEU A 156 14.77 -2.78 14.69
C LEU A 156 16.18 -2.30 15.01
N PHE A 157 16.28 -1.46 16.03
CA PHE A 157 17.55 -0.89 16.48
C PHE A 157 17.69 -1.16 17.97
N LEU A 158 18.85 -1.70 18.37
CA LEU A 158 19.15 -1.99 19.76
C LEU A 158 20.36 -1.15 20.18
N ASN A 159 20.26 -0.49 21.32
CA ASN A 159 21.27 0.48 21.73
C ASN A 159 21.73 0.16 23.15
N LYS A 160 22.73 0.92 23.60
CA LYS A 160 23.28 0.76 24.93
C LYS A 160 23.72 -0.68 25.16
N GLN A 161 24.31 -1.27 24.13
CA GLN A 161 24.72 -2.67 24.19
C GLN A 161 25.90 -2.87 25.13
N ASP A 162 26.87 -1.96 25.09
CA ASP A 162 28.06 -2.08 25.94
C ASP A 162 27.67 -2.16 27.40
N LEU A 163 26.58 -1.48 27.79
CA LEU A 163 26.14 -1.52 29.17
C LEU A 163 25.64 -2.89 29.57
N LEU A 164 25.34 -3.76 28.60
CA LEU A 164 24.80 -5.08 28.93
C LEU A 164 25.83 -5.94 29.67
N ALA A 165 27.08 -5.92 29.21
CA ALA A 165 28.13 -6.65 29.91
C ALA A 165 28.29 -6.13 31.32
N GLU A 166 28.29 -4.80 31.47
CA GLU A 166 28.46 -4.19 32.79
C GLU A 166 27.32 -4.58 33.71
N LYS A 167 26.09 -4.58 33.19
CA LYS A 167 24.93 -5.03 33.95
C LYS A 167 25.07 -6.48 34.36
N VAL A 168 25.61 -7.32 33.49
CA VAL A 168 25.87 -8.71 33.86
C VAL A 168 26.88 -8.79 35.00
N LEU A 169 27.95 -8.00 34.94
CA LEU A 169 28.94 -8.04 36.01
C LEU A 169 28.34 -7.59 37.33
N ALA A 170 27.71 -6.40 37.34
CA ALA A 170 27.12 -5.86 38.55
C ALA A 170 25.82 -6.56 38.93
N GLY A 171 24.97 -6.83 37.93
CA GLY A 171 23.72 -7.51 38.20
C GLY A 171 22.78 -6.74 39.09
N LYS A 172 22.71 -5.41 38.94
CA LYS A 172 21.77 -4.63 39.74
C LYS A 172 20.34 -5.07 39.46
N SER A 173 20.02 -5.30 38.19
CA SER A 173 18.78 -5.96 37.81
C SER A 173 19.15 -6.99 36.75
N LYS A 174 19.49 -8.20 37.19
CA LYS A 174 20.00 -9.22 36.30
C LYS A 174 19.02 -9.50 35.18
N ILE A 175 19.55 -10.08 34.10
CA ILE A 175 18.71 -10.39 32.94
C ILE A 175 17.60 -11.34 33.33
N GLU A 176 17.92 -12.36 34.12
CA GLU A 176 16.93 -13.35 34.52
C GLU A 176 15.78 -12.73 35.30
N ASP A 177 16.03 -11.62 36.00
CA ASP A 177 14.96 -10.97 36.76
C ASP A 177 13.80 -10.57 35.85
N TYR A 178 14.10 -10.20 34.60
CA TYR A 178 13.06 -9.89 33.62
C TYR A 178 12.93 -10.93 32.53
N PHE A 179 13.93 -11.78 32.31
CA PHE A 179 13.87 -12.85 31.31
C PHE A 179 14.74 -14.01 31.76
N PRO A 180 14.20 -14.88 32.62
CA PRO A 180 14.96 -16.06 33.03
C PRO A 180 15.29 -17.01 31.89
N GLU A 181 14.68 -16.83 30.71
CA GLU A 181 15.02 -17.67 29.57
C GLU A 181 16.49 -17.55 29.19
N PHE A 182 17.14 -16.44 29.56
CA PHE A 182 18.54 -16.26 29.21
C PHE A 182 19.41 -17.35 29.82
N ALA A 183 19.11 -17.78 31.05
CA ALA A 183 19.90 -18.83 31.68
C ALA A 183 19.87 -20.13 30.88
N ARG A 184 18.69 -20.55 30.44
CA ARG A 184 18.56 -21.76 29.64
C ARG A 184 18.92 -21.55 28.19
N TYR A 185 19.16 -20.31 27.78
CA TYR A 185 19.43 -19.98 26.40
C TYR A 185 20.86 -20.36 26.02
N THR A 186 21.05 -20.67 24.75
CA THR A 186 22.36 -21.02 24.21
C THR A 186 22.63 -20.18 22.97
N THR A 187 23.90 -19.84 22.77
CA THR A 187 24.27 -19.06 21.61
C THR A 187 23.88 -19.82 20.34
N PRO A 188 23.33 -19.15 19.32
CA PRO A 188 22.93 -19.86 18.11
C PRO A 188 24.08 -20.01 17.14
N GLU A 189 23.91 -20.95 16.20
CA GLU A 189 24.90 -21.15 15.15
C GLU A 189 25.01 -19.91 14.26
N ASP A 190 23.92 -19.17 14.10
CA ASP A 190 23.96 -17.94 13.33
C ASP A 190 24.82 -16.88 14.00
N ALA A 191 25.17 -17.07 15.27
CA ALA A 191 25.94 -16.08 16.00
C ALA A 191 27.24 -15.75 15.28
N THR A 192 27.52 -14.45 15.17
CA THR A 192 28.77 -13.95 14.58
C THR A 192 29.38 -12.94 15.54
N PRO A 193 29.97 -13.43 16.63
CA PRO A 193 30.52 -12.50 17.63
C PRO A 193 31.51 -11.53 17.02
N GLU A 194 31.43 -10.27 17.44
CA GLU A 194 32.29 -9.24 16.90
C GLU A 194 33.73 -9.43 17.38
N PRO A 195 34.71 -8.93 16.63
CA PRO A 195 36.12 -9.25 16.95
C PRO A 195 36.53 -8.90 18.37
N GLY A 196 36.10 -7.75 18.89
CA GLY A 196 36.53 -7.32 20.21
C GLY A 196 35.43 -7.38 21.24
N GLU A 197 34.55 -8.37 21.11
CA GLU A 197 33.34 -8.47 21.91
C GLU A 197 33.37 -9.73 22.77
N ASP A 198 32.85 -9.63 23.99
CA ASP A 198 32.82 -10.76 24.90
C ASP A 198 31.75 -11.76 24.47
N PRO A 199 32.00 -13.07 24.59
CA PRO A 199 31.03 -14.04 24.07
C PRO A 199 29.70 -14.07 24.82
N ARG A 200 29.71 -14.19 26.15
CA ARG A 200 28.45 -14.30 26.88
C ARG A 200 27.62 -13.03 26.70
N VAL A 201 28.28 -11.88 26.53
CA VAL A 201 27.56 -10.65 26.21
C VAL A 201 26.83 -10.82 24.89
N THR A 202 27.49 -11.46 23.90
CA THR A 202 26.82 -11.77 22.65
C THR A 202 25.65 -12.71 22.88
N ARG A 203 25.83 -13.69 23.76
CA ARG A 203 24.74 -14.60 24.07
C ARG A 203 23.51 -13.82 24.51
N ALA A 204 23.68 -12.95 25.51
CA ALA A 204 22.55 -12.19 26.03
C ALA A 204 21.98 -11.24 24.98
N LYS A 205 22.85 -10.59 24.22
CA LYS A 205 22.41 -9.62 23.21
C LYS A 205 21.58 -10.29 22.13
N TYR A 206 22.13 -11.34 21.52
CA TYR A 206 21.36 -12.08 20.55
C TYR A 206 20.15 -12.75 21.20
N PHE A 207 20.18 -12.95 22.51
CA PHE A 207 19.02 -13.54 23.19
C PHE A 207 17.84 -12.58 23.18
N ILE A 208 18.09 -11.32 23.53
CA ILE A 208 17.02 -10.33 23.43
C ILE A 208 16.61 -10.14 21.98
N ARG A 209 17.58 -10.19 21.06
CA ARG A 209 17.26 -10.14 19.64
C ARG A 209 16.27 -11.24 19.26
N ASP A 210 16.54 -12.46 19.72
CA ASP A 210 15.63 -13.57 19.44
C ASP A 210 14.31 -13.40 20.16
N GLU A 211 14.33 -12.79 21.35
CA GLU A 211 13.08 -12.50 22.05
C GLU A 211 12.17 -11.68 21.17
N PHE A 212 12.72 -10.68 20.49
CA PHE A 212 11.88 -9.86 19.61
C PHE A 212 11.59 -10.57 18.29
N LEU A 213 12.54 -11.34 17.77
CA LEU A 213 12.32 -12.03 16.51
C LEU A 213 11.29 -13.15 16.65
N ARG A 214 11.10 -13.70 17.84
CA ARG A 214 10.00 -14.64 18.05
C ARG A 214 8.68 -13.96 17.76
N ILE A 215 8.47 -12.77 18.33
CA ILE A 215 7.27 -12.00 18.02
C ILE A 215 7.22 -11.70 16.54
N SER A 216 8.37 -11.41 15.94
CA SER A 216 8.41 -11.07 14.53
C SER A 216 7.89 -12.21 13.67
N THR A 217 8.32 -13.44 13.98
CA THR A 217 8.13 -14.55 13.06
C THR A 217 6.91 -15.39 13.37
N ALA A 218 6.53 -15.54 14.65
CA ALA A 218 5.49 -16.49 15.00
C ALA A 218 4.17 -16.19 14.29
N SER A 219 3.75 -14.93 14.27
CA SER A 219 2.50 -14.56 13.61
C SER A 219 2.74 -13.70 12.38
N GLY A 220 3.99 -13.53 11.96
CA GLY A 220 4.29 -12.75 10.79
C GLY A 220 3.89 -13.48 9.52
N ASP A 221 4.05 -12.77 8.40
CA ASP A 221 3.71 -13.33 7.11
C ASP A 221 4.68 -12.78 6.08
N GLY A 222 4.62 -13.36 4.87
CA GLY A 222 5.49 -12.90 3.80
C GLY A 222 5.28 -11.46 3.40
N ARG A 223 4.13 -10.88 3.75
CA ARG A 223 3.84 -9.49 3.40
C ARG A 223 4.46 -8.49 4.38
N HIS A 224 5.47 -8.91 5.13
CA HIS A 224 6.00 -8.13 6.23
C HIS A 224 7.43 -8.57 6.48
N TYR A 225 8.21 -7.72 7.13
CA TYR A 225 9.53 -8.15 7.58
C TYR A 225 10.04 -7.18 8.64
N CYS A 226 10.92 -7.69 9.49
CA CYS A 226 11.61 -6.90 10.49
C CYS A 226 13.10 -7.13 10.36
N TYR A 227 13.86 -6.05 10.21
CA TYR A 227 15.30 -6.13 9.98
C TYR A 227 16.02 -5.72 11.27
N PRO A 228 16.66 -6.65 11.98
CA PRO A 228 17.41 -6.24 13.18
C PRO A 228 18.76 -5.64 12.83
N HIS A 229 19.21 -4.70 13.65
CA HIS A 229 20.53 -4.12 13.51
C HIS A 229 21.04 -3.68 14.88
N PHE A 230 22.35 -3.67 15.02
CA PHE A 230 23.02 -3.27 16.25
C PHE A 230 23.74 -1.94 16.03
N THR A 231 23.56 -1.00 16.95
CA THR A 231 24.22 0.28 16.81
C THR A 231 24.06 1.11 18.07
N CYS A 232 25.01 2.02 18.26
CA CYS A 232 24.89 3.10 19.23
C CYS A 232 24.63 4.39 18.47
N ALA A 233 24.09 5.39 19.17
CA ALA A 233 23.67 6.62 18.51
C ALA A 233 24.81 7.30 17.75
N VAL A 234 26.05 7.09 18.14
CA VAL A 234 27.17 7.76 17.48
C VAL A 234 27.39 7.27 16.06
N ASP A 235 26.82 6.13 15.69
CA ASP A 235 27.09 5.53 14.39
C ASP A 235 26.37 6.28 13.27
N THR A 236 27.12 6.67 12.23
CA THR A 236 26.55 7.41 11.11
C THR A 236 26.01 6.50 10.02
N GLU A 237 26.42 5.23 9.99
CA GLU A 237 26.04 4.33 8.90
C GLU A 237 24.54 4.11 8.84
N ASN A 238 23.81 4.46 9.90
CA ASN A 238 22.40 4.13 9.97
C ASN A 238 21.63 4.65 8.75
N ALA A 239 22.06 5.79 8.21
CA ALA A 239 21.40 6.31 7.01
C ALA A 239 21.55 5.33 5.85
N ARG A 240 22.76 4.80 5.66
CA ARG A 240 22.97 3.85 4.57
C ARG A 240 22.27 2.53 4.82
N ARG A 241 22.20 2.09 6.08
CA ARG A 241 21.43 0.90 6.40
C ARG A 241 19.96 1.09 6.04
N ILE A 242 19.39 2.24 6.41
CA ILE A 242 18.00 2.52 6.07
C ILE A 242 17.83 2.55 4.57
N PHE A 243 18.79 3.16 3.86
CA PHE A 243 18.70 3.24 2.41
C PHE A 243 18.72 1.84 1.78
N ASN A 244 19.64 0.99 2.23
CA ASN A 244 19.74 -0.34 1.65
C ASN A 244 18.51 -1.18 1.96
N ASP A 245 17.98 -1.07 3.17
CA ASP A 245 16.76 -1.82 3.49
C ASP A 245 15.57 -1.27 2.72
N CYS A 246 15.54 0.04 2.44
CA CYS A 246 14.53 0.56 1.54
C CYS A 246 14.68 -0.04 0.15
N ARG A 247 15.92 -0.16 -0.33
CA ARG A 247 16.15 -0.83 -1.60
C ARG A 247 15.58 -2.24 -1.58
N ASP A 248 15.85 -2.98 -0.50
CA ASP A 248 15.37 -4.36 -0.41
C ASP A 248 13.84 -4.41 -0.41
N ILE A 249 13.21 -3.53 0.37
CA ILE A 249 11.75 -3.50 0.43
C ILE A 249 11.17 -3.21 -0.94
N ILE A 250 11.69 -2.17 -1.60
CA ILE A 250 11.16 -1.78 -2.90
C ILE A 250 11.42 -2.87 -3.93
N GLN A 251 12.55 -3.56 -3.80
CA GLN A 251 12.84 -4.65 -4.73
C GLN A 251 11.82 -5.76 -4.60
N ARG A 252 11.42 -6.08 -3.37
CA ARG A 252 10.39 -7.11 -3.22
C ARG A 252 9.03 -6.62 -3.72
N MET A 253 8.68 -5.36 -3.45
CA MET A 253 7.43 -4.84 -4.02
C MET A 253 7.48 -4.86 -5.54
N HIS A 254 8.66 -4.67 -6.13
CA HIS A 254 8.78 -4.75 -7.58
C HIS A 254 8.64 -6.18 -8.07
N LEU A 255 9.29 -7.13 -7.38
CA LEU A 255 9.09 -8.54 -7.73
C LEU A 255 7.61 -8.87 -7.77
N ARG A 256 6.86 -8.41 -6.77
CA ARG A 256 5.43 -8.67 -6.77
C ARG A 256 4.73 -7.92 -7.90
N GLN A 257 5.17 -6.68 -8.17
CA GLN A 257 4.48 -5.85 -9.16
C GLN A 257 4.75 -6.33 -10.58
N TYR A 258 6.00 -6.65 -10.90
CA TYR A 258 6.37 -7.05 -12.25
C TYR A 258 6.15 -8.53 -12.51
N GLU A 259 5.28 -9.17 -11.72
CA GLU A 259 4.76 -10.51 -12.00
C GLU A 259 5.83 -11.58 -11.92
N LEU A 260 6.96 -11.32 -11.26
CA LEU A 260 7.92 -12.38 -11.01
C LEU A 260 7.47 -13.30 -9.88
N LEU A 261 6.40 -12.92 -9.17
CA LEU A 261 5.79 -13.77 -8.16
C LEU A 261 4.29 -13.87 -8.37
N GLY B 71 -35.41 -0.61 1.28
CA GLY B 71 -35.31 -2.03 1.02
C GLY B 71 -34.06 -2.41 0.26
N ARG B 72 -33.54 -1.48 -0.52
CA ARG B 72 -32.33 -1.70 -1.30
C ARG B 72 -31.82 -0.36 -1.81
N ILE B 73 -30.52 -0.13 -1.63
CA ILE B 73 -29.89 1.12 -2.02
C ILE B 73 -28.59 0.81 -2.74
N GLN B 74 -28.32 1.52 -3.83
CA GLN B 74 -27.10 1.31 -4.59
C GLN B 74 -26.75 2.60 -5.33
N MET B 75 -25.45 2.76 -5.58
CA MET B 75 -24.94 3.93 -6.29
C MET B 75 -23.74 3.51 -7.11
N ARG B 76 -23.46 4.29 -8.15
CA ARG B 76 -22.30 4.07 -8.99
C ARG B 76 -21.31 5.22 -8.85
N THR B 77 -20.07 4.97 -9.28
CA THR B 77 -19.04 6.02 -9.26
C THR B 77 -19.30 7.01 -10.38
N ARG B 78 -20.17 8.00 -10.14
CA ARG B 78 -20.52 8.94 -11.18
C ARG B 78 -19.29 9.62 -11.77
N ARG B 79 -18.39 10.09 -10.91
CA ARG B 79 -17.16 10.74 -11.35
C ARG B 79 -15.99 10.19 -10.55
N THR B 80 -14.78 10.62 -10.94
CA THR B 80 -13.57 10.28 -10.23
C THR B 80 -12.60 11.45 -10.35
N LEU B 81 -11.95 11.79 -9.26
CA LEU B 81 -10.92 12.82 -9.24
C LEU B 81 -9.56 12.16 -9.12
N ARG B 82 -8.64 12.53 -10.00
CA ARG B 82 -7.31 11.94 -10.06
C ARG B 82 -6.29 13.05 -10.07
N GLY B 83 -5.16 12.82 -9.43
CA GLY B 83 -4.11 13.82 -9.36
C GLY B 83 -3.42 13.86 -8.01
N HIS B 84 -4.13 13.44 -6.96
CA HIS B 84 -3.49 13.31 -5.66
C HIS B 84 -2.41 12.24 -5.73
N LEU B 85 -1.29 12.50 -5.05
CA LEU B 85 -0.15 11.62 -5.08
C LEU B 85 -0.02 10.73 -3.85
N ALA B 86 -0.99 10.77 -2.93
CA ALA B 86 -0.93 9.96 -1.72
C ALA B 86 -2.35 9.76 -1.21
N LYS B 87 -2.47 9.19 -0.02
CA LYS B 87 -3.79 8.92 0.54
C LYS B 87 -4.49 10.22 0.90
N ILE B 88 -5.78 10.28 0.60
CA ILE B 88 -6.59 11.44 0.98
C ILE B 88 -7.04 11.25 2.42
N TYR B 89 -6.75 12.22 3.27
CA TYR B 89 -7.11 12.11 4.68
C TYR B 89 -8.32 12.94 5.04
N ALA B 90 -8.56 14.03 4.33
CA ALA B 90 -9.67 14.92 4.62
C ALA B 90 -10.24 15.47 3.33
N MET B 91 -11.46 16.00 3.42
CA MET B 91 -12.18 16.50 2.26
C MET B 91 -13.30 17.38 2.75
N HIS B 92 -13.54 18.50 2.05
CA HIS B 92 -14.61 19.40 2.43
C HIS B 92 -15.03 20.23 1.23
N TRP B 93 -16.33 20.53 1.14
CA TRP B 93 -16.85 21.38 0.09
C TRP B 93 -16.71 22.84 0.48
N GLY B 94 -17.28 23.70 -0.36
CA GLY B 94 -17.58 25.05 0.05
C GLY B 94 -19.08 25.31 0.05
N THR B 95 -19.46 26.48 0.57
CA THR B 95 -20.87 26.86 0.50
C THR B 95 -21.36 26.87 -0.93
N ASP B 96 -20.50 27.24 -1.88
CA ASP B 96 -20.80 27.04 -3.30
C ASP B 96 -20.47 25.60 -3.65
N SER B 97 -21.51 24.81 -3.91
CA SER B 97 -21.35 23.36 -4.02
C SER B 97 -20.47 22.95 -5.20
N ARG B 98 -20.30 23.82 -6.20
CA ARG B 98 -19.55 23.46 -7.39
C ARG B 98 -18.07 23.24 -7.11
N LEU B 99 -17.53 23.84 -6.07
CA LEU B 99 -16.11 23.75 -5.75
C LEU B 99 -15.93 22.95 -4.47
N LEU B 100 -14.79 22.28 -4.35
CA LEU B 100 -14.48 21.51 -3.15
C LEU B 100 -12.98 21.54 -2.88
N VAL B 101 -12.64 21.45 -1.59
CA VAL B 101 -11.27 21.37 -1.14
C VAL B 101 -10.90 19.91 -0.95
N SER B 102 -9.61 19.61 -1.01
CA SER B 102 -9.14 18.26 -0.74
C SER B 102 -7.74 18.32 -0.17
N ALA B 103 -7.50 17.53 0.88
CA ALA B 103 -6.23 17.48 1.58
C ALA B 103 -5.66 16.07 1.50
N SER B 104 -4.38 15.97 1.19
CA SER B 104 -3.70 14.69 1.04
C SER B 104 -2.38 14.73 1.79
N GLN B 105 -1.90 13.54 2.17
CA GLN B 105 -0.59 13.46 2.83
C GLN B 105 0.51 14.01 1.93
N ASP B 106 0.30 14.06 0.62
CA ASP B 106 1.30 14.64 -0.27
C ASP B 106 1.51 16.12 -0.05
N GLY B 107 0.57 16.80 0.62
CA GLY B 107 0.73 18.20 0.95
C GLY B 107 0.00 19.17 0.05
N LYS B 108 -0.79 18.69 -0.89
CA LYS B 108 -1.50 19.56 -1.83
C LYS B 108 -2.93 19.77 -1.38
N LEU B 109 -3.33 21.03 -1.22
CA LEU B 109 -4.72 21.37 -0.97
C LEU B 109 -5.32 21.80 -2.30
N ILE B 110 -5.66 20.82 -3.12
CA ILE B 110 -6.14 21.10 -4.47
C ILE B 110 -7.61 21.50 -4.40
N ILE B 111 -7.92 22.65 -4.99
CA ILE B 111 -9.31 23.08 -5.20
C ILE B 111 -9.71 22.61 -6.59
N TRP B 112 -10.76 21.80 -6.66
CA TRP B 112 -11.23 21.23 -7.91
C TRP B 112 -12.57 21.85 -8.29
N ASP B 113 -12.75 22.14 -9.57
CA ASP B 113 -14.07 22.51 -10.09
C ASP B 113 -14.87 21.23 -10.31
N SER B 114 -15.81 20.95 -9.41
CA SER B 114 -16.51 19.67 -9.45
C SER B 114 -17.28 19.49 -10.74
N TYR B 115 -18.06 20.49 -11.14
CA TYR B 115 -18.95 20.34 -12.28
C TYR B 115 -18.22 20.00 -13.57
N THR B 116 -16.92 20.28 -13.64
CA THR B 116 -16.12 19.89 -14.80
C THR B 116 -14.86 19.13 -14.41
N THR B 117 -14.81 18.56 -13.21
CA THR B 117 -13.70 17.70 -12.80
C THR B 117 -12.37 18.35 -13.11
N ASN B 118 -12.26 19.63 -12.76
CA ASN B 118 -11.12 20.44 -13.13
C ASN B 118 -10.44 21.01 -11.90
N LYS B 119 -9.13 21.17 -11.98
CA LYS B 119 -8.37 21.82 -10.94
C LYS B 119 -8.35 23.33 -11.16
N VAL B 120 -8.53 24.08 -10.07
CA VAL B 120 -8.60 25.54 -10.17
C VAL B 120 -7.51 26.17 -9.30
N HIS B 121 -6.99 25.41 -8.34
CA HIS B 121 -5.86 25.84 -7.53
C HIS B 121 -5.08 24.62 -7.08
N ALA B 122 -3.86 24.86 -6.59
CA ALA B 122 -3.02 23.81 -6.02
C ALA B 122 -2.17 24.47 -4.93
N ILE B 123 -2.63 24.37 -3.69
CA ILE B 123 -1.91 25.01 -2.58
C ILE B 123 -0.81 24.07 -2.09
N PRO B 124 0.45 24.49 -2.10
CA PRO B 124 1.49 23.67 -1.45
C PRO B 124 1.50 23.92 0.05
N LEU B 125 1.05 22.93 0.80
CA LEU B 125 0.93 23.08 2.25
C LEU B 125 2.31 23.13 2.89
N ARG B 126 2.40 23.87 4.00
CA ARG B 126 3.66 23.98 4.71
C ARG B 126 4.10 22.63 5.27
N SER B 127 3.17 21.84 5.78
CA SER B 127 3.48 20.54 6.36
C SER B 127 2.70 19.47 5.61
N SER B 128 3.40 18.40 5.24
CA SER B 128 2.79 17.36 4.43
C SER B 128 1.72 16.60 5.21
N TRP B 129 1.94 16.38 6.51
CA TRP B 129 1.06 15.55 7.33
C TRP B 129 -0.16 16.38 7.70
N VAL B 130 -1.14 16.36 6.80
CA VAL B 130 -2.38 17.09 6.97
C VAL B 130 -3.45 16.10 7.40
N MET B 131 -4.23 16.46 8.42
CA MET B 131 -5.31 15.64 8.88
C MET B 131 -6.66 16.35 8.82
N THR B 132 -6.72 17.58 8.35
CA THR B 132 -7.96 18.34 8.35
C THR B 132 -7.95 19.35 7.22
N CYS B 133 -9.13 19.85 6.89
CA CYS B 133 -9.31 20.85 5.85
C CYS B 133 -10.71 21.41 5.95
N ALA B 134 -10.82 22.73 5.88
CA ALA B 134 -12.12 23.39 5.99
C ALA B 134 -12.21 24.53 5.01
N TYR B 135 -13.44 24.80 4.60
CA TYR B 135 -13.76 25.86 3.64
C TYR B 135 -14.68 26.85 4.34
N ALA B 136 -14.30 28.12 4.33
CA ALA B 136 -15.08 29.13 5.03
C ALA B 136 -16.47 29.26 4.42
N PRO B 137 -17.49 29.59 5.23
CA PRO B 137 -18.84 29.75 4.66
C PRO B 137 -18.91 30.79 3.56
N SER B 138 -18.14 31.86 3.65
CA SER B 138 -18.11 32.84 2.57
C SER B 138 -17.48 32.27 1.31
N GLY B 139 -16.86 31.10 1.40
CA GLY B 139 -16.26 30.49 0.23
C GLY B 139 -14.93 31.07 -0.17
N ASN B 140 -14.32 31.89 0.68
CA ASN B 140 -13.06 32.57 0.33
C ASN B 140 -11.88 31.92 1.05
N TYR B 141 -11.95 31.84 2.37
CA TYR B 141 -10.82 31.37 3.15
C TYR B 141 -10.90 29.87 3.36
N VAL B 142 -9.74 29.21 3.33
CA VAL B 142 -9.65 27.77 3.54
C VAL B 142 -8.67 27.52 4.66
N ALA B 143 -9.08 26.67 5.62
CA ALA B 143 -8.27 26.35 6.79
C ALA B 143 -7.69 24.95 6.63
N CYS B 144 -6.43 24.79 7.02
CA CYS B 144 -5.73 23.53 6.88
C CYS B 144 -4.83 23.32 8.08
N GLY B 145 -4.55 22.06 8.38
CA GLY B 145 -3.71 21.72 9.51
C GLY B 145 -3.76 20.24 9.78
N GLY B 146 -3.02 19.83 10.79
CA GLY B 146 -2.95 18.42 11.12
C GLY B 146 -1.96 18.10 12.22
N LEU B 147 -1.13 17.09 11.97
CA LEU B 147 -0.20 16.57 12.97
C LEU B 147 0.85 17.60 13.40
N ASP B 148 0.81 18.82 12.87
CA ASP B 148 1.74 19.87 13.26
C ASP B 148 1.18 20.79 14.34
N ASN B 149 -0.01 20.52 14.85
CA ASN B 149 -0.60 21.29 15.95
C ASN B 149 -0.89 22.73 15.56
N ILE B 150 -1.09 23.01 14.27
CA ILE B 150 -1.31 24.36 13.79
C ILE B 150 -2.44 24.35 12.78
N CYS B 151 -3.27 25.38 12.82
CA CYS B 151 -4.34 25.59 11.85
C CYS B 151 -4.01 26.84 11.04
N SER B 152 -3.88 26.67 9.73
CA SER B 152 -3.43 27.74 8.85
C SER B 152 -4.58 28.17 7.94
N ILE B 153 -4.63 29.46 7.62
CA ILE B 153 -5.69 30.05 6.79
C ILE B 153 -5.05 30.61 5.54
N TYR B 154 -5.75 30.48 4.41
CA TYR B 154 -5.28 30.96 3.12
C TYR B 154 -6.36 31.78 2.44
N ASN B 155 -5.96 32.63 1.50
CA ASN B 155 -6.91 33.40 0.71
C ASN B 155 -7.14 32.75 -0.65
N LEU B 156 -8.36 32.86 -1.15
CA LEU B 156 -8.73 32.34 -2.46
C LEU B 156 -9.35 33.38 -3.36
N LYS B 157 -10.22 34.25 -2.84
CA LYS B 157 -10.89 35.28 -3.63
C LYS B 157 -10.21 36.63 -3.48
N THR B 158 -8.97 36.65 -3.01
CA THR B 158 -8.26 37.91 -2.85
C THR B 158 -8.05 38.59 -4.18
N ARG B 159 -8.06 39.93 -4.17
CA ARG B 159 -7.91 40.70 -5.39
C ARG B 159 -6.54 40.50 -6.04
N GLU B 160 -5.54 40.04 -5.29
CA GLU B 160 -4.21 39.83 -5.86
C GLU B 160 -4.20 38.75 -6.93
N GLY B 161 -5.22 37.89 -6.98
CA GLY B 161 -5.30 36.86 -7.99
C GLY B 161 -4.48 35.61 -7.70
N ASN B 162 -3.89 35.50 -6.52
CA ASN B 162 -3.06 34.35 -6.17
C ASN B 162 -3.39 33.89 -4.77
N VAL B 163 -3.53 32.57 -4.60
CA VAL B 163 -3.81 32.01 -3.29
C VAL B 163 -2.62 32.25 -2.37
N ARG B 164 -2.89 32.70 -1.15
CA ARG B 164 -1.83 33.10 -0.23
C ARG B 164 -2.29 32.88 1.20
N VAL B 165 -1.32 32.78 2.10
CA VAL B 165 -1.61 32.62 3.52
C VAL B 165 -2.24 33.90 4.06
N SER B 166 -3.27 33.75 4.89
CA SER B 166 -3.91 34.87 5.56
C SER B 166 -3.65 34.90 7.05
N ARG B 167 -3.83 33.78 7.74
CA ARG B 167 -3.66 33.74 9.19
C ARG B 167 -3.33 32.30 9.58
N GLU B 168 -2.63 32.18 10.71
CA GLU B 168 -2.24 30.88 11.25
C GLU B 168 -2.55 30.85 12.74
N LEU B 169 -3.18 29.76 13.18
CA LEU B 169 -3.61 29.59 14.55
C LEU B 169 -2.73 28.57 15.25
N ALA B 170 -2.22 28.91 16.42
CA ALA B 170 -1.36 28.02 17.19
C ALA B 170 -1.71 28.12 18.66
N GLY B 171 -1.42 27.05 19.40
CA GLY B 171 -1.71 27.02 20.82
C GLY B 171 -2.11 25.65 21.35
N HIS B 172 -2.54 24.75 20.47
CA HIS B 172 -2.86 23.41 20.91
C HIS B 172 -1.60 22.62 21.24
N THR B 173 -1.78 21.58 22.06
CA THR B 173 -0.66 20.73 22.50
C THR B 173 -0.78 19.32 21.93
N GLY B 174 -1.63 19.12 20.93
CA GLY B 174 -1.77 17.80 20.33
C GLY B 174 -2.14 17.95 18.88
N TYR B 175 -2.04 16.83 18.16
CA TYR B 175 -2.30 16.85 16.73
C TYR B 175 -3.71 17.36 16.46
N LEU B 176 -3.82 18.23 15.46
CA LEU B 176 -5.12 18.77 15.08
C LEU B 176 -5.99 17.66 14.50
N SER B 177 -7.22 17.56 14.99
CA SER B 177 -8.14 16.50 14.58
C SER B 177 -9.28 16.99 13.70
N CYS B 178 -9.85 18.15 13.99
CA CYS B 178 -10.92 18.71 13.17
C CYS B 178 -10.89 20.21 13.33
N CYS B 179 -11.49 20.90 12.36
CA CYS B 179 -11.65 22.34 12.42
C CYS B 179 -12.87 22.72 11.61
N ARG B 180 -13.51 23.81 12.00
CA ARG B 180 -14.75 24.24 11.35
C ARG B 180 -14.87 25.75 11.47
N PHE B 181 -15.12 26.42 10.34
CA PHE B 181 -15.34 27.85 10.36
C PHE B 181 -16.69 28.17 10.98
N LEU B 182 -16.75 29.28 11.70
CA LEU B 182 -17.99 29.83 12.21
C LEU B 182 -18.52 30.98 11.35
N ASP B 183 -17.61 31.76 10.78
CA ASP B 183 -17.95 32.86 9.89
C ASP B 183 -16.65 33.35 9.27
N ASP B 184 -16.74 34.45 8.52
CA ASP B 184 -15.56 34.98 7.85
C ASP B 184 -14.49 35.42 8.84
N ASN B 185 -14.84 35.63 10.11
CA ASN B 185 -13.90 36.14 11.11
C ASN B 185 -13.95 35.35 12.40
N GLN B 186 -14.08 34.03 12.34
CA GLN B 186 -14.11 33.20 13.54
C GLN B 186 -14.00 31.74 13.12
N ILE B 187 -13.50 30.91 14.02
CA ILE B 187 -13.31 29.49 13.73
C ILE B 187 -13.28 28.71 15.04
N VAL B 188 -13.73 27.46 14.98
CA VAL B 188 -13.69 26.54 16.12
C VAL B 188 -12.94 25.29 15.67
N THR B 189 -12.27 24.64 16.63
CA THR B 189 -11.41 23.50 16.31
C THR B 189 -11.30 22.56 17.50
N SER B 190 -10.91 21.32 17.20
CA SER B 190 -10.67 20.29 18.20
C SER B 190 -9.33 19.61 17.93
N SER B 191 -8.71 19.11 19.00
CA SER B 191 -7.37 18.56 18.89
C SER B 191 -7.24 17.31 19.75
N GLY B 192 -6.13 16.61 19.56
CA GLY B 192 -5.85 15.37 20.25
C GLY B 192 -5.29 15.54 21.65
N ASP B 193 -5.26 16.75 22.19
CA ASP B 193 -4.80 16.99 23.55
C ASP B 193 -5.94 17.00 24.56
N THR B 194 -7.12 16.52 24.16
CA THR B 194 -8.30 16.44 25.02
C THR B 194 -8.98 17.78 25.21
N THR B 195 -8.84 18.71 24.27
CA THR B 195 -9.43 20.04 24.41
C THR B 195 -9.94 20.53 23.05
N CYS B 196 -10.83 21.52 23.11
CA CYS B 196 -11.30 22.25 21.95
C CYS B 196 -11.17 23.75 22.22
N ALA B 197 -11.00 24.52 21.17
CA ALA B 197 -10.72 25.94 21.32
C ALA B 197 -11.52 26.75 20.30
N LEU B 198 -11.73 28.02 20.64
CA LEU B 198 -12.38 28.99 19.78
C LEU B 198 -11.42 30.15 19.56
N TRP B 199 -11.37 30.65 18.32
CA TRP B 199 -10.38 31.65 17.93
C TRP B 199 -11.06 32.85 17.28
N ASP B 200 -10.29 33.93 17.16
CA ASP B 200 -10.66 35.10 16.38
C ASP B 200 -9.70 35.20 15.21
N ILE B 201 -10.25 35.22 13.99
CA ILE B 201 -9.41 35.28 12.80
C ILE B 201 -8.65 36.60 12.74
N GLU B 202 -9.33 37.70 13.06
CA GLU B 202 -8.75 39.02 12.86
C GLU B 202 -7.41 39.15 13.56
N THR B 203 -7.33 38.71 14.82
CA THR B 203 -6.10 38.77 15.58
C THR B 203 -5.46 37.42 15.80
N GLY B 204 -6.16 36.32 15.52
CA GLY B 204 -5.61 35.00 15.75
C GLY B 204 -5.38 34.70 17.21
N GLN B 205 -6.35 35.03 18.07
CA GLN B 205 -6.25 34.81 19.50
C GLN B 205 -7.38 33.92 19.97
N GLN B 206 -7.14 33.20 21.07
CA GLN B 206 -8.16 32.36 21.67
C GLN B 206 -9.18 33.20 22.44
N THR B 207 -10.38 32.67 22.57
CA THR B 207 -11.43 33.30 23.36
C THR B 207 -12.09 32.36 24.34
N THR B 208 -12.06 31.04 24.11
CA THR B 208 -12.63 30.08 25.04
C THR B 208 -12.02 28.72 24.74
N THR B 209 -11.69 27.99 25.80
CA THR B 209 -11.10 26.66 25.68
C THR B 209 -11.97 25.67 26.43
N PHE B 210 -12.17 24.50 25.80
CA PHE B 210 -13.06 23.47 26.32
C PHE B 210 -12.24 22.28 26.79
N THR B 211 -12.64 21.68 27.91
CA THR B 211 -11.92 20.56 28.48
C THR B 211 -12.88 19.72 29.32
N GLY B 212 -12.47 18.48 29.58
CA GLY B 212 -13.29 17.58 30.37
C GLY B 212 -13.21 16.13 29.91
N HIS B 213 -12.69 15.91 28.71
CA HIS B 213 -12.54 14.55 28.19
C HIS B 213 -11.35 13.87 28.85
N THR B 214 -11.24 12.57 28.59
CA THR B 214 -10.14 11.76 29.11
C THR B 214 -9.20 11.25 28.02
N GLY B 215 -9.73 10.91 26.85
CA GLY B 215 -8.92 10.47 25.74
C GLY B 215 -8.83 11.50 24.62
N ASP B 216 -8.16 11.11 23.55
CA ASP B 216 -8.00 11.99 22.40
C ASP B 216 -9.36 12.30 21.78
N VAL B 217 -9.54 13.56 21.39
CA VAL B 217 -10.73 14.01 20.69
C VAL B 217 -10.46 13.92 19.21
N MET B 218 -11.38 13.32 18.45
CA MET B 218 -11.14 12.99 17.06
C MET B 218 -12.26 13.40 16.12
N SER B 219 -13.08 14.38 16.48
CA SER B 219 -14.17 14.76 15.61
C SER B 219 -14.78 16.06 16.08
N LEU B 220 -15.56 16.67 15.20
CA LEU B 220 -16.38 17.83 15.52
C LEU B 220 -17.64 17.80 14.67
N SER B 221 -18.66 18.50 15.14
CA SER B 221 -19.87 18.70 14.37
C SER B 221 -20.54 19.97 14.86
N LEU B 222 -20.23 21.09 14.22
CA LEU B 222 -20.86 22.35 14.57
C LEU B 222 -22.33 22.31 14.19
N ALA B 223 -23.21 22.47 15.17
CA ALA B 223 -24.63 22.39 14.90
C ALA B 223 -25.07 23.55 14.03
N PRO B 224 -26.17 23.39 13.28
CA PRO B 224 -26.68 24.52 12.49
C PRO B 224 -26.92 25.75 13.35
N ASP B 225 -27.45 25.56 14.57
CA ASP B 225 -27.43 26.60 15.59
C ASP B 225 -26.02 26.60 16.19
N THR B 226 -25.13 27.35 15.53
CA THR B 226 -23.70 27.28 15.80
C THR B 226 -23.35 27.55 17.25
N ARG B 227 -24.33 28.02 18.04
CA ARG B 227 -24.07 28.29 19.45
C ARG B 227 -23.65 27.05 20.22
N LEU B 228 -23.94 25.86 19.69
CA LEU B 228 -23.64 24.61 20.36
C LEU B 228 -22.90 23.67 19.41
N PHE B 229 -22.01 22.86 19.97
CA PHE B 229 -21.28 21.87 19.19
C PHE B 229 -20.91 20.69 20.07
N VAL B 230 -20.59 19.56 19.43
CA VAL B 230 -20.35 18.31 20.11
C VAL B 230 -19.11 17.66 19.51
N SER B 231 -18.48 16.76 20.29
CA SER B 231 -17.25 16.11 19.86
C SER B 231 -17.18 14.72 20.46
N GLY B 232 -16.38 13.86 19.83
CA GLY B 232 -16.18 12.51 20.31
C GLY B 232 -14.72 12.26 20.59
N ALA B 233 -14.47 11.37 21.56
CA ALA B 233 -13.14 11.17 22.09
C ALA B 233 -12.81 9.68 22.10
N CYS B 234 -11.56 9.37 22.45
CA CYS B 234 -11.08 7.99 22.53
C CYS B 234 -11.45 7.31 23.84
N ASP B 235 -11.89 8.06 24.85
CA ASP B 235 -12.48 7.44 26.02
C ASP B 235 -13.99 7.26 25.78
N ALA B 236 -14.59 6.37 26.56
CA ALA B 236 -16.00 6.00 26.37
C ALA B 236 -16.87 7.17 26.81
N SER B 237 -16.84 8.25 26.03
CA SER B 237 -17.69 9.38 26.31
C SER B 237 -17.68 10.34 25.14
N ALA B 238 -18.82 11.01 24.94
CA ALA B 238 -18.95 12.13 24.02
C ALA B 238 -19.62 13.27 24.76
N LYS B 239 -19.14 14.49 24.52
CA LYS B 239 -19.48 15.63 25.37
C LYS B 239 -19.94 16.81 24.52
N LEU B 240 -20.80 17.63 25.11
CA LEU B 240 -21.37 18.79 24.46
C LEU B 240 -20.84 20.05 25.12
N TRP B 241 -20.71 21.12 24.32
CA TRP B 241 -20.22 22.40 24.80
C TRP B 241 -21.02 23.52 24.14
N ASP B 242 -21.39 24.52 24.92
CA ASP B 242 -21.98 25.75 24.40
C ASP B 242 -20.88 26.78 24.27
N VAL B 243 -20.70 27.32 23.06
CA VAL B 243 -19.49 28.06 22.74
C VAL B 243 -19.31 29.30 23.61
N ARG B 244 -20.36 30.09 23.85
CA ARG B 244 -20.19 31.33 24.59
C ARG B 244 -19.92 31.09 26.07
N GLU B 245 -20.35 29.95 26.61
CA GLU B 245 -20.20 29.67 28.02
C GLU B 245 -18.95 28.86 28.34
N GLY B 246 -18.54 27.96 27.45
CA GLY B 246 -17.34 27.20 27.67
C GLY B 246 -17.39 26.24 28.85
N MET B 247 -18.47 25.47 28.99
CA MET B 247 -18.60 24.54 30.10
C MET B 247 -19.43 23.36 29.66
N CYS B 248 -18.95 22.15 29.95
CA CYS B 248 -19.63 20.92 29.53
C CYS B 248 -20.92 20.73 30.32
N ARG B 249 -21.95 20.25 29.63
CA ARG B 249 -23.28 20.13 30.22
C ARG B 249 -23.95 18.79 29.95
N GLN B 250 -23.25 17.80 29.42
CA GLN B 250 -23.84 16.50 29.16
C GLN B 250 -22.75 15.53 28.76
N THR B 251 -23.01 14.24 28.95
CA THR B 251 -22.06 13.21 28.57
C THR B 251 -22.76 11.86 28.49
N PHE B 252 -22.48 11.12 27.41
CA PHE B 252 -23.02 9.79 27.18
C PHE B 252 -21.86 8.79 27.19
N THR B 253 -22.15 7.54 27.57
CA THR B 253 -21.08 6.57 27.80
C THR B 253 -21.39 5.15 27.37
N GLY B 254 -22.39 4.91 26.54
CA GLY B 254 -22.77 3.54 26.20
C GLY B 254 -21.70 2.72 25.52
N HIS B 255 -21.01 3.28 24.52
CA HIS B 255 -20.11 2.49 23.71
C HIS B 255 -18.99 1.87 24.55
N GLU B 256 -18.33 0.86 23.99
CA GLU B 256 -17.24 0.16 24.66
C GLU B 256 -15.88 0.40 24.02
N SER B 257 -15.81 0.46 22.69
CA SER B 257 -14.61 0.93 22.00
C SER B 257 -15.01 2.20 21.28
N ASP B 258 -14.24 3.27 21.50
CA ASP B 258 -14.81 4.60 21.47
C ASP B 258 -14.69 5.26 20.09
N ILE B 259 -14.94 6.57 20.04
CA ILE B 259 -15.43 7.22 18.83
C ILE B 259 -14.32 7.47 17.83
N ASN B 260 -14.72 7.69 16.58
CA ASN B 260 -13.84 8.19 15.53
C ASN B 260 -14.46 9.29 14.69
N ALA B 261 -15.76 9.53 14.78
CA ALA B 261 -16.42 10.54 13.97
C ALA B 261 -17.75 10.91 14.61
N ILE B 262 -18.29 12.06 14.20
CA ILE B 262 -19.56 12.55 14.71
C ILE B 262 -20.15 13.54 13.71
N CYS B 263 -21.48 13.65 13.71
CA CYS B 263 -22.17 14.59 12.86
C CYS B 263 -23.55 14.88 13.44
N PHE B 264 -24.13 16.02 13.05
CA PHE B 264 -25.39 16.48 13.59
C PHE B 264 -26.53 16.34 12.60
N PHE B 265 -27.75 16.46 13.13
CA PHE B 265 -28.99 16.45 12.36
C PHE B 265 -29.42 17.89 12.06
N PRO B 266 -30.07 18.13 10.91
CA PRO B 266 -30.44 19.51 10.56
C PRO B 266 -31.25 20.22 11.63
N ASN B 267 -32.20 19.53 12.28
CA ASN B 267 -32.94 20.12 13.39
C ASN B 267 -32.09 20.29 14.64
N GLY B 268 -30.97 19.59 14.75
CA GLY B 268 -30.01 19.82 15.80
C GLY B 268 -30.25 19.04 17.08
N ASN B 269 -31.36 18.33 17.21
CA ASN B 269 -31.62 17.60 18.44
C ASN B 269 -30.82 16.31 18.52
N ALA B 270 -30.75 15.57 17.42
CA ALA B 270 -30.04 14.30 17.39
C ALA B 270 -28.71 14.43 16.66
N PHE B 271 -27.76 13.59 17.03
CA PHE B 271 -26.46 13.56 16.37
C PHE B 271 -25.93 12.13 16.34
N ALA B 272 -25.24 11.81 15.25
CA ALA B 272 -24.73 10.47 14.98
C ALA B 272 -23.34 10.31 15.58
N THR B 273 -22.75 9.13 15.39
CA THR B 273 -21.43 8.88 15.94
C THR B 273 -20.89 7.54 15.47
N GLY B 274 -19.58 7.48 15.22
CA GLY B 274 -18.89 6.26 14.85
C GLY B 274 -18.15 5.68 16.04
N SER B 275 -17.62 4.46 15.90
CA SER B 275 -16.92 3.79 16.98
C SER B 275 -15.90 2.81 16.42
N ASP B 276 -14.93 2.45 17.27
CA ASP B 276 -13.96 1.41 16.94
C ASP B 276 -14.57 0.01 16.95
N ASP B 277 -15.48 -0.27 17.87
CA ASP B 277 -16.24 -1.51 17.77
C ASP B 277 -17.21 -1.40 16.59
N ALA B 278 -17.61 -2.56 16.08
CA ALA B 278 -18.41 -2.58 14.85
C ALA B 278 -19.84 -2.13 15.06
N THR B 279 -20.05 -0.90 15.54
CA THR B 279 -21.39 -0.40 15.80
C THR B 279 -21.45 1.10 15.56
N CYS B 280 -22.63 1.54 15.10
CA CYS B 280 -22.98 2.95 15.02
C CYS B 280 -24.09 3.21 16.04
N ARG B 281 -24.09 4.41 16.62
CA ARG B 281 -25.03 4.72 17.68
C ARG B 281 -25.53 6.15 17.54
N LEU B 282 -26.67 6.41 18.18
CA LEU B 282 -27.36 7.68 18.09
C LEU B 282 -27.62 8.25 19.47
N PHE B 283 -27.71 9.58 19.54
CA PHE B 283 -28.02 10.29 20.77
C PHE B 283 -28.82 11.52 20.41
N ASP B 284 -29.45 12.12 21.42
CA ASP B 284 -30.18 13.36 21.21
C ASP B 284 -29.94 14.28 22.41
N LEU B 285 -30.02 15.58 22.15
CA LEU B 285 -29.85 16.56 23.22
C LEU B 285 -30.89 16.38 24.31
N ARG B 286 -32.15 16.21 23.93
CA ARG B 286 -33.22 16.02 24.89
C ARG B 286 -33.10 14.71 25.65
N ALA B 287 -32.26 13.79 25.18
CA ALA B 287 -32.14 12.47 25.78
C ALA B 287 -30.97 12.44 26.76
N ASP B 288 -31.16 11.69 27.84
CA ASP B 288 -30.11 11.37 28.80
C ASP B 288 -29.79 9.89 28.73
N GLN B 289 -29.85 9.33 27.52
CA GLN B 289 -29.77 7.89 27.30
C GLN B 289 -29.27 7.65 25.88
N GLU B 290 -28.64 6.49 25.69
CA GLU B 290 -28.17 6.06 24.37
C GLU B 290 -29.35 5.49 23.61
N LEU B 291 -29.69 6.10 22.47
CA LEU B 291 -30.91 5.72 21.78
C LEU B 291 -30.83 4.28 21.28
N MET B 292 -29.78 3.92 20.56
CA MET B 292 -29.71 2.61 19.94
C MET B 292 -28.27 2.32 19.53
N THR B 293 -28.09 1.16 18.90
CA THR B 293 -26.79 0.75 18.39
C THR B 293 -27.00 -0.28 17.29
N TYR B 294 -26.41 -0.03 16.13
CA TYR B 294 -26.50 -0.96 15.02
C TYR B 294 -25.30 -1.90 15.04
N SER B 295 -25.50 -3.13 14.56
CA SER B 295 -24.42 -4.11 14.56
C SER B 295 -24.73 -5.19 13.52
N HIS B 296 -23.67 -5.81 13.04
CA HIS B 296 -23.77 -6.97 12.16
C HIS B 296 -22.84 -8.05 12.68
N ASP B 297 -23.33 -9.29 12.67
CA ASP B 297 -22.60 -10.37 13.32
C ASP B 297 -21.26 -10.65 12.66
N ASN B 298 -21.19 -10.56 11.33
CA ASN B 298 -20.02 -11.06 10.60
C ASN B 298 -18.95 -9.99 10.36
N ILE B 299 -19.14 -8.77 10.86
CA ILE B 299 -18.20 -7.67 10.61
C ILE B 299 -17.47 -7.37 11.90
N ILE B 300 -16.14 -7.25 11.81
CA ILE B 300 -15.33 -7.00 13.00
C ILE B 300 -14.76 -5.59 12.99
N CYS B 301 -14.39 -5.09 11.81
CA CYS B 301 -13.65 -3.83 11.69
C CYS B 301 -14.46 -2.67 12.25
N GLY B 302 -13.85 -1.49 12.21
CA GLY B 302 -14.47 -0.31 12.79
C GLY B 302 -15.16 0.55 11.75
N ILE B 303 -15.50 1.77 12.18
CA ILE B 303 -16.12 2.79 11.34
C ILE B 303 -15.21 4.00 11.31
N THR B 304 -15.25 4.75 10.21
CA THR B 304 -14.30 5.83 9.97
C THR B 304 -14.93 7.20 9.78
N SER B 305 -16.22 7.28 9.43
CA SER B 305 -16.85 8.58 9.24
C SER B 305 -18.35 8.39 9.21
N VAL B 306 -19.07 9.50 9.02
CA VAL B 306 -20.52 9.53 8.93
C VAL B 306 -20.94 10.63 7.98
N SER B 307 -22.25 10.74 7.76
CA SER B 307 -22.83 11.77 6.92
C SER B 307 -24.32 11.85 7.20
N PHE B 308 -24.98 12.77 6.50
CA PHE B 308 -26.42 12.95 6.62
C PHE B 308 -27.01 13.27 5.25
N SER B 309 -28.34 13.22 5.17
CA SER B 309 -29.05 13.60 3.96
C SER B 309 -29.42 15.08 3.98
N LYS B 310 -29.80 15.60 2.81
CA LYS B 310 -30.30 16.97 2.74
C LYS B 310 -31.52 17.15 3.63
N SER B 311 -32.48 16.22 3.52
CA SER B 311 -33.60 16.21 4.44
C SER B 311 -33.16 15.78 5.83
N GLY B 312 -32.20 14.86 5.90
CA GLY B 312 -31.63 14.44 7.16
C GLY B 312 -32.15 13.13 7.71
N ARG B 313 -33.28 12.62 7.20
CA ARG B 313 -33.86 11.41 7.76
C ARG B 313 -32.88 10.24 7.65
N LEU B 314 -32.21 10.12 6.52
CA LEU B 314 -31.38 8.96 6.22
C LEU B 314 -29.93 9.24 6.58
N LEU B 315 -29.20 8.18 6.94
CA LEU B 315 -27.84 8.28 7.45
C LEU B 315 -26.92 7.33 6.68
N LEU B 316 -25.62 7.44 6.97
CA LEU B 316 -24.59 6.71 6.24
C LEU B 316 -23.31 6.71 7.06
N ALA B 317 -22.36 5.86 6.69
CA ALA B 317 -21.08 5.80 7.38
C ALA B 317 -20.05 5.11 6.49
N GLY B 318 -18.78 5.27 6.86
CA GLY B 318 -17.69 4.62 6.17
C GLY B 318 -17.00 3.61 7.06
N TYR B 319 -16.43 2.58 6.45
CA TYR B 319 -15.94 1.42 7.18
C TYR B 319 -14.47 1.18 6.87
N ASP B 320 -13.83 0.38 7.74
CA ASP B 320 -12.40 0.17 7.64
C ASP B 320 -12.04 -0.81 6.52
N ASP B 321 -12.87 -1.84 6.32
CA ASP B 321 -12.50 -2.92 5.42
C ASP B 321 -12.67 -2.51 3.96
N PHE B 322 -11.96 -1.46 3.55
CA PHE B 322 -11.93 -1.00 2.17
C PHE B 322 -13.34 -0.80 1.61
N ASN B 323 -14.31 -0.53 2.48
CA ASN B 323 -15.69 -0.47 2.04
C ASN B 323 -16.47 0.51 2.89
N CYS B 324 -17.58 0.96 2.35
CA CYS B 324 -18.62 1.63 3.13
C CYS B 324 -19.70 0.62 3.51
N ASN B 325 -20.63 1.06 4.34
CA ASN B 325 -21.80 0.27 4.68
C ASN B 325 -22.91 1.22 5.11
N VAL B 326 -23.96 1.29 4.32
CA VAL B 326 -25.01 2.29 4.49
C VAL B 326 -26.05 1.72 5.45
N TRP B 327 -25.99 2.12 6.71
CA TRP B 327 -27.06 1.85 7.66
C TRP B 327 -28.02 3.02 7.65
N ASP B 328 -29.30 2.74 7.92
CA ASP B 328 -30.30 3.79 8.05
C ASP B 328 -31.00 3.67 9.40
N ALA B 329 -31.23 4.83 10.03
CA ALA B 329 -31.98 4.86 11.29
C ALA B 329 -33.45 4.57 11.05
N LEU B 330 -34.07 5.23 10.06
CA LEU B 330 -35.49 5.05 9.78
C LEU B 330 -35.81 3.63 9.33
N LYS B 331 -35.00 3.05 8.45
CA LYS B 331 -35.10 1.62 8.19
C LYS B 331 -34.53 0.82 9.36
N ALA B 332 -33.67 1.42 10.16
CA ALA B 332 -33.03 0.80 11.32
C ALA B 332 -32.14 -0.38 10.94
N ASP B 333 -31.91 -0.60 9.65
CA ASP B 333 -31.13 -1.73 9.19
C ASP B 333 -30.32 -1.31 7.97
N ARG B 334 -29.28 -2.08 7.69
CA ARG B 334 -28.36 -1.70 6.62
C ARG B 334 -28.98 -1.96 5.25
N ALA B 335 -28.36 -1.36 4.24
CA ALA B 335 -28.81 -1.48 2.86
C ALA B 335 -27.58 -1.27 1.97
N GLY B 336 -27.04 -2.37 1.47
CA GLY B 336 -26.04 -2.26 0.43
C GLY B 336 -24.71 -1.70 0.92
N VAL B 337 -23.90 -1.32 -0.06
CA VAL B 337 -22.52 -0.89 0.18
C VAL B 337 -22.02 -0.14 -1.05
N LEU B 338 -21.15 0.83 -0.80
CA LEU B 338 -20.39 1.51 -1.85
C LEU B 338 -19.00 0.88 -1.88
N ALA B 339 -18.78 0.00 -2.85
CA ALA B 339 -17.51 -0.69 -3.00
C ALA B 339 -16.85 -0.23 -4.29
N GLY B 340 -15.53 -0.32 -4.33
CA GLY B 340 -14.77 0.12 -5.49
C GLY B 340 -13.43 0.73 -5.13
N HIS B 341 -13.30 1.20 -3.90
CA HIS B 341 -12.00 1.59 -3.39
C HIS B 341 -11.21 0.34 -3.03
N ASP B 342 -9.89 0.44 -3.14
CA ASP B 342 -9.01 -0.69 -2.82
C ASP B 342 -8.26 -0.46 -1.51
N ASN B 343 -8.77 0.45 -0.67
CA ASN B 343 -8.18 0.69 0.64
C ASN B 343 -9.20 1.42 1.51
N ARG B 344 -8.76 1.85 2.69
CA ARG B 344 -9.65 2.47 3.65
C ARG B 344 -10.36 3.68 3.04
N VAL B 345 -11.61 3.89 3.44
CA VAL B 345 -12.29 5.14 3.17
C VAL B 345 -12.10 6.04 4.38
N SER B 346 -11.55 7.24 4.15
CA SER B 346 -11.13 8.11 5.23
C SER B 346 -11.97 9.37 5.40
N CYS B 347 -12.92 9.63 4.51
CA CYS B 347 -13.74 10.82 4.64
C CYS B 347 -14.95 10.69 3.73
N LEU B 348 -15.91 11.60 3.92
CA LEU B 348 -17.14 11.63 3.15
C LEU B 348 -17.56 13.08 2.95
N GLY B 349 -18.81 13.26 2.53
CA GLY B 349 -19.37 14.59 2.41
C GLY B 349 -20.42 14.71 1.34
N VAL B 350 -21.32 15.67 1.48
CA VAL B 350 -22.33 15.97 0.48
C VAL B 350 -22.35 17.48 0.25
N THR B 351 -22.89 17.88 -0.90
CA THR B 351 -23.00 19.30 -1.21
C THR B 351 -24.05 19.96 -0.32
N ASP B 352 -23.95 21.28 -0.17
CA ASP B 352 -24.96 22.02 0.58
C ASP B 352 -26.33 21.95 -0.10
N ASP B 353 -26.36 21.77 -1.41
CA ASP B 353 -27.62 21.61 -2.14
C ASP B 353 -28.00 20.15 -2.36
N GLY B 354 -27.08 19.22 -2.13
CA GLY B 354 -27.38 17.81 -2.27
C GLY B 354 -27.41 17.30 -3.70
N MET B 355 -26.89 18.06 -4.66
CA MET B 355 -26.88 17.61 -6.05
C MET B 355 -25.84 16.50 -6.29
N ALA B 356 -24.86 16.35 -5.40
CA ALA B 356 -23.84 15.34 -5.57
C ALA B 356 -23.28 14.93 -4.22
N VAL B 357 -22.61 13.78 -4.19
CA VAL B 357 -21.96 13.26 -3.00
C VAL B 357 -20.55 12.85 -3.39
N ALA B 358 -19.60 13.06 -2.47
CA ALA B 358 -18.21 12.74 -2.69
C ALA B 358 -17.68 11.88 -1.55
N THR B 359 -16.53 11.26 -1.80
CA THR B 359 -15.84 10.49 -0.78
C THR B 359 -14.34 10.55 -1.03
N GLY B 360 -13.58 10.15 -0.02
CA GLY B 360 -12.14 10.05 -0.16
C GLY B 360 -11.68 8.69 0.34
N SER B 361 -10.46 8.33 -0.04
CA SER B 361 -9.97 7.00 0.28
C SER B 361 -8.45 7.05 0.40
N TRP B 362 -7.90 6.00 1.01
CA TRP B 362 -6.45 5.88 1.12
C TRP B 362 -5.81 5.43 -0.19
N ASP B 363 -6.60 5.14 -1.21
CA ASP B 363 -6.10 4.81 -2.54
C ASP B 363 -5.90 6.04 -3.41
N SER B 364 -6.14 7.24 -2.86
CA SER B 364 -5.83 8.51 -3.49
C SER B 364 -6.85 8.94 -4.54
N PHE B 365 -8.06 8.40 -4.53
CA PHE B 365 -9.09 8.77 -5.48
C PHE B 365 -10.32 9.25 -4.73
N LEU B 366 -10.77 10.46 -5.04
CA LEU B 366 -12.00 10.99 -4.46
C LEU B 366 -13.15 10.59 -5.37
N LYS B 367 -13.43 9.30 -5.43
CA LYS B 367 -14.51 8.82 -6.27
C LYS B 367 -15.81 9.49 -5.85
N ILE B 368 -16.48 10.09 -6.81
CA ILE B 368 -17.74 10.79 -6.59
C ILE B 368 -18.85 9.92 -7.13
N TRP B 369 -19.89 9.72 -6.31
CA TRP B 369 -20.83 8.63 -6.51
C TRP B 369 -22.20 9.16 -6.91
N ASN B 370 -22.88 8.36 -7.73
CA ASN B 370 -24.14 8.75 -8.36
C ASN B 370 -25.33 8.70 -7.40
N GLN C 1 -21.80 1.60 33.00
CA GLN C 1 -20.53 2.22 32.55
C GLN C 1 -19.44 1.17 32.42
N VAL C 2 -18.61 1.29 31.38
CA VAL C 2 -17.53 0.35 31.15
C VAL C 2 -16.56 0.43 32.34
N GLN C 3 -16.53 -0.61 33.16
CA GLN C 3 -15.69 -0.60 34.35
C GLN C 3 -15.27 -2.02 34.70
N LEU C 4 -14.14 -2.12 35.40
CA LEU C 4 -13.66 -3.37 35.96
C LEU C 4 -13.38 -3.18 37.45
N GLN C 5 -14.15 -3.87 38.28
CA GLN C 5 -14.05 -3.73 39.72
C GLN C 5 -13.37 -4.94 40.32
N GLU C 6 -12.37 -4.70 41.15
CA GLU C 6 -11.57 -5.75 41.77
C GLU C 6 -12.02 -5.97 43.21
N SER C 7 -11.84 -7.20 43.69
CA SER C 7 -12.15 -7.54 45.06
C SER C 7 -11.07 -8.47 45.59
N GLY C 8 -10.87 -8.43 46.91
CA GLY C 8 -9.89 -9.28 47.55
C GLY C 8 -8.58 -8.56 47.81
N GLY C 9 -8.08 -8.66 49.04
CA GLY C 9 -6.84 -8.02 49.40
C GLY C 9 -6.68 -7.98 50.90
N GLY C 10 -5.67 -7.22 51.33
CA GLY C 10 -5.41 -7.05 52.74
C GLY C 10 -4.20 -7.79 53.25
N LEU C 11 -4.37 -8.51 54.35
CA LEU C 11 -3.24 -9.12 55.04
C LEU C 11 -2.53 -10.13 54.14
N VAL C 12 -1.21 -10.01 54.08
CA VAL C 12 -0.36 -10.93 53.32
C VAL C 12 1.01 -10.97 53.99
N GLN C 13 1.68 -12.11 53.85
CA GLN C 13 3.02 -12.29 54.38
C GLN C 13 3.76 -13.26 53.47
N PRO C 14 5.10 -13.27 53.52
CA PRO C 14 5.85 -14.28 52.76
C PRO C 14 5.39 -15.68 53.12
N GLY C 15 5.15 -16.51 52.11
CA GLY C 15 4.62 -17.84 52.34
C GLY C 15 3.12 -17.90 52.50
N GLY C 16 2.42 -16.77 52.42
CA GLY C 16 0.97 -16.75 52.52
C GLY C 16 0.36 -15.82 51.48
N SER C 17 -0.62 -16.33 50.73
CA SER C 17 -1.19 -15.60 49.61
C SER C 17 -2.71 -15.56 49.71
N LEU C 18 -3.27 -14.42 49.32
CA LEU C 18 -4.71 -14.27 49.18
C LEU C 18 -5.13 -14.66 47.77
N ARG C 19 -6.37 -14.32 47.41
CA ARG C 19 -6.87 -14.52 46.05
C ARG C 19 -7.45 -13.21 45.53
N LEU C 20 -7.05 -12.84 44.33
CA LEU C 20 -7.49 -11.60 43.70
C LEU C 20 -8.59 -11.91 42.69
N SER C 21 -9.74 -11.26 42.88
CA SER C 21 -10.91 -11.47 42.03
C SER C 21 -11.31 -10.16 41.38
N CYS C 22 -11.57 -10.23 40.08
CA CYS C 22 -11.90 -9.05 39.29
C CYS C 22 -13.30 -9.24 38.74
N ALA C 23 -14.04 -8.14 38.61
CA ALA C 23 -15.45 -8.19 38.23
C ALA C 23 -15.68 -7.23 37.07
N ALA C 24 -15.54 -7.74 35.85
CA ALA C 24 -15.86 -6.95 34.67
C ALA C 24 -17.37 -6.92 34.48
N SER C 25 -17.92 -5.72 34.25
CA SER C 25 -19.35 -5.56 34.08
C SER C 25 -19.61 -4.53 32.99
N GLY C 26 -20.77 -4.63 32.37
CA GLY C 26 -21.13 -3.70 31.32
C GLY C 26 -20.19 -3.72 30.14
N PHE C 27 -19.56 -4.85 29.85
CA PHE C 27 -18.58 -4.94 28.79
C PHE C 27 -18.35 -6.40 28.44
N THR C 28 -18.44 -6.71 27.14
CA THR C 28 -18.31 -8.08 26.65
C THR C 28 -16.95 -8.62 27.07
N PHE C 29 -16.95 -9.79 27.69
CA PHE C 29 -15.75 -10.24 28.41
C PHE C 29 -14.85 -11.09 27.52
N SER C 30 -15.40 -12.12 26.90
CA SER C 30 -14.57 -13.15 26.27
C SER C 30 -13.73 -12.57 25.13
N ASN C 31 -14.38 -11.88 24.19
CA ASN C 31 -13.70 -11.57 22.93
C ASN C 31 -12.56 -10.57 23.09
N TYR C 32 -12.52 -9.84 24.21
CA TYR C 32 -11.43 -8.90 24.42
C TYR C 32 -10.26 -9.57 25.11
N LYS C 33 -9.06 -9.10 24.81
CA LYS C 33 -7.86 -9.58 25.48
C LYS C 33 -7.80 -9.02 26.89
N MET C 34 -7.24 -9.81 27.81
CA MET C 34 -7.17 -9.46 29.21
C MET C 34 -5.71 -9.40 29.65
N ASN C 35 -5.46 -8.67 30.73
CA ASN C 35 -4.13 -8.68 31.33
C ASN C 35 -4.15 -7.85 32.60
N TRP C 36 -3.29 -8.24 33.53
CA TRP C 36 -3.07 -7.50 34.77
C TRP C 36 -2.03 -6.41 34.57
N VAL C 37 -2.07 -5.41 35.44
CA VAL C 37 -1.10 -4.33 35.45
C VAL C 37 -1.08 -3.70 36.84
N ARG C 38 0.12 -3.50 37.36
CA ARG C 38 0.34 -3.11 38.74
C ARG C 38 1.10 -1.80 38.83
N GLN C 39 0.89 -1.08 39.93
CA GLN C 39 1.69 0.07 40.29
C GLN C 39 2.08 -0.04 41.76
N ALA C 40 3.32 0.30 42.06
CA ALA C 40 3.86 0.13 43.40
C ALA C 40 4.54 1.41 43.86
N PRO C 41 4.77 1.58 45.16
CA PRO C 41 5.34 2.85 45.64
C PRO C 41 6.67 3.15 44.97
N GLY C 42 6.86 4.43 44.64
CA GLY C 42 8.12 4.89 44.09
C GLY C 42 8.41 4.45 42.69
N LYS C 43 7.40 4.03 41.92
CA LYS C 43 7.62 3.58 40.55
C LYS C 43 6.32 3.71 39.76
N GLY C 44 6.47 3.67 38.44
CA GLY C 44 5.34 3.82 37.56
C GLY C 44 4.59 2.51 37.34
N LEU C 45 3.99 2.40 36.17
CA LEU C 45 3.20 1.22 35.83
C LEU C 45 4.09 0.10 35.30
N GLU C 46 3.69 -1.13 35.57
CA GLU C 46 4.44 -2.31 35.16
C GLU C 46 3.51 -3.34 34.55
N TRP C 47 4.02 -4.07 33.57
CA TRP C 47 3.24 -5.10 32.90
C TRP C 47 3.19 -6.38 33.72
N VAL C 48 2.12 -7.16 33.54
CA VAL C 48 1.93 -8.43 34.21
C VAL C 48 1.39 -9.43 33.19
N SER C 49 1.35 -10.70 33.58
CA SER C 49 0.90 -11.77 32.70
C SER C 49 -0.45 -11.45 32.09
N ASP C 50 -0.65 -11.93 30.86
CA ASP C 50 -1.91 -11.79 30.14
C ASP C 50 -2.58 -13.14 29.98
N ILE C 51 -3.78 -13.11 29.43
CA ILE C 51 -4.48 -14.31 29.01
C ILE C 51 -5.30 -13.96 27.78
N SER C 52 -5.08 -14.68 26.69
CA SER C 52 -5.65 -14.30 25.40
C SER C 52 -7.18 -14.40 25.46
N GLN C 53 -7.79 -14.06 24.33
CA GLN C 53 -9.25 -14.17 24.19
C GLN C 53 -9.67 -15.62 24.34
N SER C 54 -10.80 -15.84 25.01
CA SER C 54 -11.33 -17.18 25.22
C SER C 54 -10.36 -18.05 26.00
N GLY C 55 -9.42 -17.44 26.73
CA GLY C 55 -8.52 -18.20 27.57
C GLY C 55 -7.67 -19.20 26.84
N ALA C 56 -7.01 -18.81 25.75
CA ALA C 56 -6.25 -19.75 24.95
C ALA C 56 -4.76 -19.77 25.33
N SER C 57 -4.15 -18.60 25.47
CA SER C 57 -2.70 -18.50 25.62
C SER C 57 -2.37 -17.63 26.82
N ILE C 58 -1.14 -17.79 27.31
CA ILE C 58 -0.64 -17.06 28.48
C ILE C 58 0.77 -16.56 28.20
N SER C 59 1.20 -15.55 28.94
CA SER C 59 2.56 -15.06 28.84
C SER C 59 2.93 -14.36 30.15
N TYR C 60 4.24 -14.17 30.34
CA TYR C 60 4.78 -13.63 31.58
C TYR C 60 6.04 -12.83 31.28
N THR C 61 6.50 -12.10 32.30
CA THR C 61 7.82 -11.50 32.32
C THR C 61 8.62 -12.08 33.47
N GLY C 62 9.93 -11.78 33.50
CA GLY C 62 10.83 -12.51 34.38
C GLY C 62 10.50 -12.40 35.85
N SER C 63 10.25 -11.20 36.35
CA SER C 63 9.99 -11.04 37.78
C SER C 63 8.77 -11.84 38.22
N VAL C 64 7.77 -11.95 37.35
CA VAL C 64 6.53 -12.65 37.73
C VAL C 64 6.54 -14.08 37.23
N LYS C 65 7.49 -14.44 36.37
CA LYS C 65 7.46 -15.74 35.71
C LYS C 65 7.45 -16.88 36.72
N GLY C 66 6.44 -17.73 36.63
CA GLY C 66 6.36 -18.94 37.42
C GLY C 66 6.08 -18.75 38.89
N ARG C 67 5.49 -17.63 39.30
CA ARG C 67 5.21 -17.37 40.70
C ARG C 67 3.82 -16.82 40.97
N PHE C 68 3.01 -16.58 39.93
CA PHE C 68 1.65 -16.10 40.09
C PHE C 68 0.73 -16.90 39.18
N THR C 69 -0.53 -17.04 39.58
CA THR C 69 -1.48 -17.92 38.90
C THR C 69 -2.52 -17.09 38.15
N ILE C 70 -2.25 -16.88 36.86
CA ILE C 70 -3.18 -16.12 36.02
C ILE C 70 -4.26 -17.04 35.50
N SER C 71 -5.44 -16.50 35.24
CA SER C 71 -6.53 -17.26 34.63
C SER C 71 -7.71 -16.34 34.38
N ARG C 72 -8.57 -16.74 33.44
CA ARG C 72 -9.81 -16.05 33.16
C ARG C 72 -10.97 -17.04 33.23
N ASP C 73 -12.15 -16.54 33.57
CA ASP C 73 -13.35 -17.36 33.63
C ASP C 73 -14.52 -16.55 33.08
N ASN C 74 -15.26 -17.14 32.14
CA ASN C 74 -16.48 -16.50 31.66
C ASN C 74 -17.59 -16.57 32.69
N ALA C 75 -17.55 -17.55 33.59
CA ALA C 75 -18.61 -17.72 34.58
C ALA C 75 -18.66 -16.57 35.59
N LYS C 76 -17.61 -15.74 35.65
CA LYS C 76 -17.61 -14.61 36.58
C LYS C 76 -17.03 -13.35 35.95
N ASN C 77 -16.67 -13.37 34.67
CA ASN C 77 -16.08 -12.21 34.01
C ASN C 77 -14.86 -11.71 34.78
N THR C 78 -14.06 -12.64 35.27
CA THR C 78 -13.03 -12.34 36.25
C THR C 78 -11.68 -12.87 35.82
N LEU C 79 -10.64 -12.22 36.32
CA LEU C 79 -9.30 -12.78 36.34
C LEU C 79 -8.95 -13.19 37.76
N TYR C 80 -8.01 -14.11 37.87
CA TYR C 80 -7.59 -14.67 39.15
C TYR C 80 -6.09 -14.55 39.32
N LEU C 81 -5.66 -14.46 40.57
CA LEU C 81 -4.25 -14.45 40.90
C LEU C 81 -4.04 -14.94 42.32
N GLN C 82 -3.10 -15.86 42.47
CA GLN C 82 -2.62 -16.32 43.75
C GLN C 82 -1.10 -16.25 43.74
N MET C 83 -0.53 -15.82 44.85
CA MET C 83 0.89 -15.50 44.92
C MET C 83 1.68 -16.66 45.50
N ASN C 84 2.88 -16.85 44.97
CA ASN C 84 3.85 -17.81 45.49
C ASN C 84 5.20 -17.14 45.57
N SER C 85 6.04 -17.61 46.49
CA SER C 85 7.32 -16.96 46.76
C SER C 85 7.11 -15.48 47.06
N LEU C 86 6.14 -15.20 47.91
CA LEU C 86 5.71 -13.83 48.15
C LEU C 86 6.83 -13.00 48.75
N LYS C 87 6.85 -11.73 48.37
CA LYS C 87 7.83 -10.77 48.86
C LYS C 87 7.11 -9.48 49.22
N PRO C 88 7.75 -8.60 49.98
CA PRO C 88 7.15 -7.28 50.23
C PRO C 88 6.85 -6.54 48.95
N GLU C 89 7.53 -6.89 47.86
CA GLU C 89 7.29 -6.25 46.57
C GLU C 89 5.87 -6.48 46.07
N ASP C 90 5.18 -7.48 46.62
CA ASP C 90 3.79 -7.74 46.23
C ASP C 90 2.86 -6.57 46.51
N THR C 91 3.20 -5.70 47.47
CA THR C 91 2.39 -4.55 47.78
C THR C 91 2.20 -3.68 46.53
N ALA C 92 0.97 -3.56 46.05
CA ALA C 92 0.69 -2.76 44.87
C ALA C 92 -0.81 -2.71 44.64
N VAL C 93 -1.23 -1.72 43.85
CA VAL C 93 -2.61 -1.63 43.41
C VAL C 93 -2.73 -2.49 42.14
N TYR C 94 -3.55 -3.53 42.20
CA TYR C 94 -3.66 -4.47 41.09
C TYR C 94 -4.77 -4.00 40.16
N TYR C 95 -4.38 -3.26 39.14
CA TYR C 95 -5.34 -2.76 38.17
C TYR C 95 -5.75 -3.87 37.20
N CYS C 96 -6.98 -4.33 37.32
CA CYS C 96 -7.54 -5.24 36.33
C CYS C 96 -7.78 -4.46 35.04
N ALA C 97 -7.13 -4.90 33.96
CA ALA C 97 -7.10 -4.12 32.72
C ALA C 97 -7.48 -4.98 31.54
N ARG C 98 -7.85 -4.32 30.44
CA ARG C 98 -8.22 -4.99 29.21
C ARG C 98 -7.83 -4.12 28.02
N CYS C 99 -7.63 -4.77 26.88
CA CYS C 99 -7.12 -4.10 25.69
C CYS C 99 -8.21 -3.29 25.00
N PRO C 100 -7.83 -2.30 24.19
CA PRO C 100 -8.80 -1.30 23.74
C PRO C 100 -9.72 -1.77 22.61
N ALA C 101 -9.30 -2.74 21.80
CA ALA C 101 -10.08 -3.15 20.65
C ALA C 101 -10.26 -4.67 20.65
N PRO C 102 -11.35 -5.16 20.09
CA PRO C 102 -11.60 -6.60 20.07
C PRO C 102 -10.99 -7.28 18.84
N PHE C 103 -10.92 -8.60 18.91
CA PHE C 103 -10.48 -9.43 17.79
C PHE C 103 -9.15 -8.95 17.23
N THR C 104 -8.22 -8.59 18.10
CA THR C 104 -6.95 -8.06 17.64
C THR C 104 -5.88 -8.34 18.69
N ARG C 105 -4.63 -8.28 18.25
CA ARG C 105 -3.49 -8.40 19.16
C ARG C 105 -2.93 -7.05 19.57
N ASP C 106 -3.59 -5.94 19.21
CA ASP C 106 -3.10 -4.63 19.57
C ASP C 106 -3.57 -4.24 20.95
N CYS C 107 -2.62 -3.90 21.83
CA CYS C 107 -2.91 -3.41 23.17
C CYS C 107 -2.03 -2.20 23.47
N PHE C 108 -2.03 -1.23 22.54
CA PHE C 108 -1.01 -0.18 22.56
C PHE C 108 -0.92 0.52 23.91
N ASP C 109 -2.04 1.01 24.42
CA ASP C 109 -2.03 2.04 25.45
C ASP C 109 -2.49 1.55 26.82
N VAL C 110 -2.54 0.24 27.05
CA VAL C 110 -2.97 -0.25 28.35
C VAL C 110 -2.07 0.28 29.45
N THR C 111 -0.78 0.38 29.19
CA THR C 111 0.18 0.90 30.17
C THR C 111 0.17 2.42 30.24
N SER C 112 -0.50 3.09 29.31
CA SER C 112 -0.44 4.54 29.25
C SER C 112 -1.12 5.17 30.46
N THR C 113 -0.57 6.31 30.90
CA THR C 113 -1.17 7.04 32.00
C THR C 113 -2.55 7.55 31.60
N THR C 114 -3.48 7.52 32.55
CA THR C 114 -4.87 7.94 32.32
C THR C 114 -5.56 7.06 31.28
N TYR C 115 -5.07 5.84 31.06
CA TYR C 115 -5.75 4.90 30.19
C TYR C 115 -7.13 4.60 30.75
N ALA C 116 -8.13 4.58 29.86
CA ALA C 116 -9.52 4.57 30.33
C ALA C 116 -9.96 3.19 30.78
N TYR C 117 -9.66 2.14 30.02
CA TYR C 117 -10.22 0.81 30.27
C TYR C 117 -9.38 0.01 31.26
N ARG C 118 -9.31 0.44 32.51
CA ARG C 118 -8.71 -0.36 33.56
C ARG C 118 -9.42 -0.11 34.89
N GLY C 119 -9.33 -1.10 35.76
CA GLY C 119 -10.04 -1.05 37.03
C GLY C 119 -9.34 -0.17 38.05
N GLN C 120 -10.02 0.00 39.18
CA GLN C 120 -9.48 0.77 40.30
C GLN C 120 -8.37 0.04 41.02
N GLY C 121 -8.56 -1.25 41.31
CA GLY C 121 -7.53 -2.07 41.91
C GLY C 121 -7.68 -2.19 43.42
N THR C 122 -6.87 -3.09 43.98
CA THR C 122 -6.84 -3.36 45.41
C THR C 122 -5.40 -3.51 45.85
N GLN C 123 -5.18 -3.38 47.16
CA GLN C 123 -3.85 -3.46 47.73
C GLN C 123 -3.76 -4.59 48.74
N VAL C 124 -2.54 -5.10 48.92
CA VAL C 124 -2.27 -6.20 49.84
C VAL C 124 -1.17 -5.75 50.79
N THR C 125 -1.40 -5.94 52.09
CA THR C 125 -0.45 -5.48 53.12
C THR C 125 0.50 -6.63 53.45
N VAL C 126 1.64 -6.64 52.77
CA VAL C 126 2.67 -7.63 53.09
C VAL C 126 3.30 -7.23 54.41
N SER C 127 3.31 -8.15 55.36
CA SER C 127 3.80 -7.87 56.71
C SER C 127 4.34 -9.14 57.33
N SER C 128 5.11 -8.97 58.40
CA SER C 128 5.69 -10.08 59.12
C SER C 128 6.18 -9.65 60.50
N CYS D 16 10.77 -27.16 -58.14
CA CYS D 16 9.74 -27.99 -57.55
C CYS D 16 10.27 -29.39 -57.29
N ILE D 17 10.03 -29.89 -56.07
CA ILE D 17 10.45 -31.23 -55.67
C ILE D 17 9.26 -31.93 -55.05
N GLU D 18 9.13 -33.23 -55.34
CA GLU D 18 7.94 -33.97 -54.96
C GLU D 18 7.72 -33.97 -53.45
N GLU D 19 8.79 -34.22 -52.69
CA GLU D 19 8.62 -34.41 -51.25
C GLU D 19 8.08 -33.16 -50.58
N GLN D 20 8.34 -31.98 -51.14
CA GLN D 20 7.94 -30.75 -50.47
C GLN D 20 6.43 -30.71 -50.24
N HIS D 21 5.65 -30.91 -51.31
CA HIS D 21 4.20 -30.82 -51.20
C HIS D 21 3.66 -31.86 -50.22
N ASP D 22 4.07 -33.12 -50.39
CA ASP D 22 3.54 -34.18 -49.55
C ASP D 22 3.90 -33.97 -48.09
N LEU D 23 5.15 -33.60 -47.78
CA LEU D 23 5.54 -33.41 -46.40
C LEU D 23 4.82 -32.22 -45.79
N ASP D 24 4.75 -31.10 -46.52
CA ASP D 24 4.05 -29.94 -46.00
C ASP D 24 2.59 -30.24 -45.72
N HIS D 25 1.94 -31.01 -46.62
CA HIS D 25 0.53 -31.31 -46.47
C HIS D 25 0.23 -31.85 -45.08
N TYR D 26 1.07 -32.75 -44.58
CA TYR D 26 0.87 -33.29 -43.23
C TYR D 26 1.40 -32.33 -42.18
N LEU D 27 2.59 -31.78 -42.40
CA LEU D 27 3.29 -31.06 -41.33
C LEU D 27 2.56 -29.79 -40.94
N PHE D 28 2.23 -28.94 -41.91
CA PHE D 28 1.87 -27.58 -41.58
C PHE D 28 0.47 -27.50 -40.98
N PRO D 29 -0.55 -28.13 -41.58
CA PRO D 29 -1.88 -28.07 -40.97
C PRO D 29 -1.91 -28.59 -39.55
N ILE D 30 -1.18 -29.67 -39.28
CA ILE D 30 -1.24 -30.31 -37.97
C ILE D 30 -0.79 -29.35 -36.88
N VAL D 31 0.36 -28.70 -37.07
CA VAL D 31 0.86 -27.78 -36.05
C VAL D 31 0.03 -26.51 -36.03
N TYR D 32 -0.36 -26.01 -37.21
CA TYR D 32 -1.02 -24.71 -37.25
C TYR D 32 -2.40 -24.74 -36.62
N ILE D 33 -3.13 -25.85 -36.74
CA ILE D 33 -4.45 -25.93 -36.11
C ILE D 33 -4.30 -25.72 -34.60
N PHE D 34 -3.40 -26.46 -33.98
CA PHE D 34 -3.15 -26.28 -32.55
C PHE D 34 -2.70 -24.86 -32.24
N VAL D 35 -1.77 -24.35 -33.04
CA VAL D 35 -1.22 -23.02 -32.75
C VAL D 35 -2.33 -21.99 -32.73
N ILE D 36 -3.16 -21.96 -33.78
CA ILE D 36 -4.20 -20.95 -33.85
C ILE D 36 -5.20 -21.13 -32.71
N ILE D 37 -5.70 -22.36 -32.55
CA ILE D 37 -6.82 -22.55 -31.62
C ILE D 37 -6.40 -22.24 -30.19
N VAL D 38 -5.15 -22.55 -29.82
CA VAL D 38 -4.73 -22.27 -28.46
C VAL D 38 -4.27 -20.83 -28.31
N SER D 39 -3.51 -20.31 -29.27
CA SER D 39 -2.97 -18.96 -29.12
C SER D 39 -4.08 -17.91 -29.07
N ILE D 40 -5.11 -18.02 -29.92
CA ILE D 40 -6.10 -16.95 -30.01
C ILE D 40 -6.66 -16.58 -28.64
N PRO D 41 -7.36 -17.46 -27.93
CA PRO D 41 -7.89 -17.05 -26.60
C PRO D 41 -6.81 -16.59 -25.64
N ALA D 42 -5.66 -17.27 -25.66
CA ALA D 42 -4.59 -16.91 -24.74
C ALA D 42 -4.12 -15.48 -24.99
N ASN D 43 -3.96 -15.11 -26.27
CA ASN D 43 -3.49 -13.77 -26.58
C ASN D 43 -4.58 -12.73 -26.34
N ILE D 44 -5.85 -13.07 -26.54
CA ILE D 44 -6.91 -12.16 -26.12
C ILE D 44 -6.78 -11.86 -24.63
N GLY D 45 -6.64 -12.90 -23.82
CA GLY D 45 -6.48 -12.70 -22.39
C GLY D 45 -5.28 -11.84 -22.07
N SER D 46 -4.14 -12.15 -22.69
CA SER D 46 -2.92 -11.38 -22.42
C SER D 46 -3.11 -9.92 -22.79
N LEU D 47 -3.69 -9.64 -23.95
CA LEU D 47 -3.87 -8.26 -24.39
C LEU D 47 -4.76 -7.50 -23.43
N CYS D 48 -5.93 -8.07 -23.08
CA CYS D 48 -6.85 -7.34 -22.23
C CYS D 48 -6.24 -7.12 -20.85
N VAL D 49 -5.60 -8.14 -20.28
CA VAL D 49 -5.02 -7.96 -18.96
C VAL D 49 -3.86 -6.97 -19.00
N SER D 50 -3.09 -6.97 -20.10
CA SER D 50 -2.00 -6.01 -20.22
C SER D 50 -2.53 -4.59 -20.28
N PHE D 51 -3.62 -4.37 -21.01
CA PHE D 51 -4.24 -3.05 -21.04
C PHE D 51 -4.72 -2.64 -19.65
N LEU D 52 -5.37 -3.57 -18.94
CA LEU D 52 -5.83 -3.27 -17.59
C LEU D 52 -4.66 -2.85 -16.72
N GLN D 53 -3.56 -3.59 -16.79
CA GLN D 53 -2.37 -3.24 -16.00
C GLN D 53 -1.81 -1.88 -16.44
N ALA D 54 -1.81 -1.60 -17.73
CA ALA D 54 -1.29 -0.33 -18.23
C ALA D 54 -2.10 0.84 -17.71
N LYS D 55 -3.42 0.69 -17.62
CA LYS D 55 -4.25 1.77 -17.07
C LYS D 55 -3.77 2.17 -15.69
N LYS D 56 -3.21 1.22 -14.93
CA LYS D 56 -2.64 1.54 -13.63
C LYS D 56 -1.22 2.08 -13.84
N GLU D 57 -0.47 2.20 -12.75
CA GLU D 57 0.83 2.86 -12.82
C GLU D 57 1.82 2.09 -13.68
N SER D 58 1.78 0.75 -13.63
CA SER D 58 2.82 -0.06 -14.25
C SER D 58 2.91 0.22 -15.75
N GLU D 59 4.12 0.47 -16.22
CA GLU D 59 4.32 0.70 -17.65
C GLU D 59 4.49 -0.61 -18.41
N LEU D 60 4.83 -1.70 -17.71
CA LEU D 60 5.03 -2.98 -18.38
C LEU D 60 3.78 -3.40 -19.15
N GLY D 61 2.62 -2.90 -18.73
CA GLY D 61 1.40 -3.22 -19.44
C GLY D 61 1.43 -2.81 -20.90
N ILE D 62 2.05 -1.68 -21.21
CA ILE D 62 2.10 -1.23 -22.60
C ILE D 62 2.88 -2.21 -23.45
N TYR D 63 4.06 -2.62 -22.99
CA TYR D 63 4.85 -3.56 -23.76
C TYR D 63 4.13 -4.90 -23.91
N LEU D 64 3.51 -5.37 -22.82
CA LEU D 64 2.76 -6.63 -22.92
C LEU D 64 1.63 -6.49 -23.93
N PHE D 65 0.94 -5.35 -23.92
CA PHE D 65 -0.17 -5.12 -24.84
C PHE D 65 0.32 -5.15 -26.28
N SER D 66 1.44 -4.48 -26.55
CA SER D 66 1.99 -4.48 -27.90
C SER D 66 2.40 -5.88 -28.34
N LEU D 67 3.03 -6.65 -27.46
CA LEU D 67 3.41 -8.02 -27.82
C LEU D 67 2.18 -8.86 -28.12
N SER D 68 1.14 -8.74 -27.31
CA SER D 68 -0.09 -9.49 -27.55
C SER D 68 -0.72 -9.09 -28.88
N LEU D 69 -0.72 -7.80 -29.18
CA LEU D 69 -1.26 -7.33 -30.45
C LEU D 69 -0.48 -7.93 -31.62
N SER D 70 0.84 -7.96 -31.49
CA SER D 70 1.66 -8.55 -32.56
C SER D 70 1.29 -10.01 -32.77
N ASP D 71 1.21 -10.78 -31.69
CA ASP D 71 0.90 -12.19 -31.83
C ASP D 71 -0.49 -12.41 -32.43
N LEU D 72 -1.46 -11.56 -32.05
CA LEU D 72 -2.78 -11.67 -32.65
C LEU D 72 -2.73 -11.35 -34.15
N LEU D 73 -1.89 -10.39 -34.54
CA LEU D 73 -1.69 -10.15 -35.96
C LEU D 73 -1.19 -11.42 -36.66
N TYR D 74 -0.23 -12.10 -36.03
CA TYR D 74 0.25 -13.37 -36.59
C TYR D 74 -0.90 -14.35 -36.79
N ALA D 75 -1.67 -14.56 -35.72
CA ALA D 75 -2.77 -15.52 -35.77
C ALA D 75 -3.78 -15.14 -36.85
N LEU D 76 -3.95 -13.84 -37.10
CA LEU D 76 -4.86 -13.41 -38.17
C LEU D 76 -4.38 -13.90 -39.52
N THR D 77 -3.07 -13.86 -39.78
CA THR D 77 -2.56 -14.25 -41.08
C THR D 77 -2.52 -15.76 -41.26
N LEU D 78 -2.28 -16.50 -40.18
CA LEU D 78 -2.04 -17.94 -40.33
C LEU D 78 -3.09 -18.70 -41.14
N PRO D 79 -4.40 -18.48 -40.98
CA PRO D 79 -5.37 -19.31 -41.69
C PRO D 79 -5.15 -19.38 -43.21
N LEU D 80 -4.85 -18.25 -43.84
CA LEU D 80 -4.51 -18.29 -45.26
C LEU D 80 -3.34 -19.21 -45.51
N TRP D 81 -2.39 -19.26 -44.58
CA TRP D 81 -1.20 -20.06 -44.81
C TRP D 81 -1.47 -21.55 -44.61
N ILE D 82 -2.33 -21.92 -43.66
CA ILE D 82 -2.71 -23.33 -43.58
C ILE D 82 -3.43 -23.74 -44.85
N ASP D 83 -4.34 -22.89 -45.34
CA ASP D 83 -5.03 -23.20 -46.58
C ASP D 83 -4.05 -23.38 -47.74
N TYR D 84 -3.07 -22.49 -47.86
CA TYR D 84 -2.08 -22.61 -48.93
C TYR D 84 -1.23 -23.87 -48.77
N THR D 85 -0.78 -24.16 -47.55
CA THR D 85 0.09 -25.30 -47.32
C THR D 85 -0.62 -26.60 -47.64
N TRP D 86 -1.90 -26.71 -47.32
CA TRP D 86 -2.66 -27.85 -47.84
C TRP D 86 -2.82 -27.62 -49.33
N ASN D 87 -1.72 -27.71 -50.06
CA ASN D 87 -1.59 -27.19 -51.40
C ASN D 87 -2.48 -27.98 -52.36
N LYS D 88 -3.33 -27.28 -53.09
CA LYS D 88 -4.11 -27.86 -54.16
C LYS D 88 -4.33 -26.79 -55.22
N ASP D 89 -5.03 -27.17 -56.28
CA ASP D 89 -5.35 -26.20 -57.32
C ASP D 89 -6.34 -25.15 -56.86
N ASN D 90 -6.96 -25.33 -55.69
CA ASN D 90 -7.99 -24.43 -55.17
C ASN D 90 -7.31 -23.32 -54.37
N TRP D 91 -6.65 -22.41 -55.10
CA TRP D 91 -6.12 -21.17 -54.50
C TRP D 91 -6.45 -20.05 -55.49
N THR D 92 -7.61 -19.45 -55.32
CA THR D 92 -8.14 -18.46 -56.24
C THR D 92 -8.03 -17.04 -55.70
N PHE D 93 -7.36 -16.85 -54.56
CA PHE D 93 -7.22 -15.51 -54.01
C PHE D 93 -6.24 -14.71 -54.85
N SER D 94 -6.49 -13.40 -54.94
CA SER D 94 -5.64 -12.54 -55.73
C SER D 94 -4.25 -12.45 -55.11
N PRO D 95 -3.22 -12.20 -55.92
CA PRO D 95 -1.85 -12.11 -55.36
C PRO D 95 -1.69 -10.98 -54.35
N ALA D 96 -2.59 -10.00 -54.35
CA ALA D 96 -2.55 -8.97 -53.32
C ALA D 96 -2.65 -9.59 -51.93
N LEU D 97 -3.47 -10.63 -51.79
CA LEU D 97 -3.53 -11.34 -50.51
C LEU D 97 -2.20 -11.99 -50.18
N CYS D 98 -1.55 -12.58 -51.17
CA CYS D 98 -0.23 -13.17 -50.93
C CYS D 98 0.75 -12.12 -50.45
N LYS D 99 0.71 -10.93 -51.03
CA LYS D 99 1.57 -9.85 -50.57
C LYS D 99 1.23 -9.47 -49.13
N GLY D 100 -0.04 -9.19 -48.87
CA GLY D 100 -0.42 -8.61 -47.60
C GLY D 100 -0.24 -9.56 -46.43
N SER D 101 -0.59 -10.83 -46.63
CA SER D 101 -0.47 -11.80 -45.53
C SER D 101 0.99 -11.97 -45.11
N ALA D 102 1.89 -12.13 -46.09
CA ALA D 102 3.31 -12.23 -45.77
C ALA D 102 3.81 -10.95 -45.11
N PHE D 103 3.38 -9.79 -45.61
CA PHE D 103 3.79 -8.54 -45.01
C PHE D 103 3.41 -8.51 -43.53
N LEU D 104 2.15 -8.82 -43.23
CA LEU D 104 1.68 -8.82 -41.85
C LEU D 104 2.43 -9.84 -41.01
N MET D 105 2.67 -11.03 -41.58
CA MET D 105 3.28 -12.09 -40.80
C MET D 105 4.70 -11.70 -40.36
N TYR D 106 5.51 -11.20 -41.29
CA TYR D 106 6.83 -10.72 -40.90
C TYR D 106 6.75 -9.51 -39.98
N MET D 107 5.83 -8.58 -40.27
CA MET D 107 5.60 -7.46 -39.36
C MET D 107 5.48 -7.96 -37.92
N ASN D 108 4.51 -8.84 -37.67
CA ASN D 108 4.40 -9.45 -36.35
C ASN D 108 5.74 -10.03 -35.91
N PHE D 109 6.20 -11.07 -36.61
CA PHE D 109 7.38 -11.81 -36.16
C PHE D 109 8.39 -10.87 -35.52
N TYR D 110 8.78 -9.85 -36.26
CA TYR D 110 9.85 -8.99 -35.77
C TYR D 110 9.36 -8.03 -34.69
N SER D 111 8.12 -7.55 -34.77
CA SER D 111 7.61 -6.69 -33.72
C SER D 111 7.52 -7.44 -32.39
N SER D 112 7.10 -8.69 -32.44
CA SER D 112 7.03 -9.52 -31.24
C SER D 112 8.41 -9.75 -30.64
N THR D 113 9.40 -10.05 -31.48
CA THR D 113 10.75 -10.14 -30.94
C THR D 113 11.16 -8.85 -30.24
N ALA D 114 10.90 -7.70 -30.88
CA ALA D 114 11.30 -6.43 -30.31
C ALA D 114 10.58 -6.17 -28.98
N PHE D 115 9.29 -6.48 -28.91
CA PHE D 115 8.55 -6.18 -27.70
C PHE D 115 8.91 -7.11 -26.56
N LEU D 116 9.30 -8.35 -26.87
CA LEU D 116 9.90 -9.19 -25.83
C LEU D 116 11.18 -8.55 -25.31
N THR D 117 12.01 -8.02 -26.21
CA THR D 117 13.19 -7.29 -25.77
C THR D 117 12.81 -6.17 -24.82
N CYS D 118 11.77 -5.41 -25.17
CA CYS D 118 11.37 -4.28 -24.35
C CYS D 118 10.89 -4.74 -22.97
N ILE D 119 10.13 -5.83 -22.91
CA ILE D 119 9.65 -6.33 -21.62
C ILE D 119 10.83 -6.72 -20.74
N ALA D 120 11.80 -7.43 -21.32
CA ALA D 120 12.97 -7.83 -20.55
C ALA D 120 13.73 -6.61 -20.03
N VAL D 121 13.92 -5.60 -20.88
CA VAL D 121 14.64 -4.41 -20.45
C VAL D 121 13.88 -3.68 -19.36
N ASP D 122 12.55 -3.61 -19.48
CA ASP D 122 11.75 -2.92 -18.47
C ASP D 122 11.88 -3.60 -17.12
N ARG D 123 11.70 -4.93 -17.08
CA ARG D 123 11.84 -5.63 -15.82
C ARG D 123 13.25 -5.49 -15.26
N TYR D 124 14.25 -5.48 -16.14
CA TYR D 124 15.61 -5.23 -15.68
C TYR D 124 15.71 -3.89 -14.96
N LEU D 125 15.39 -2.80 -15.66
CA LEU D 125 15.52 -1.48 -15.06
C LEU D 125 14.70 -1.36 -13.79
N ALA D 126 13.58 -2.08 -13.69
CA ALA D 126 12.74 -1.98 -12.52
C ALA D 126 13.32 -2.70 -11.31
N VAL D 127 13.50 -4.03 -11.44
CA VAL D 127 13.95 -4.80 -10.29
C VAL D 127 15.40 -4.48 -9.94
N VAL D 128 16.27 -4.37 -10.94
CA VAL D 128 17.68 -4.18 -10.66
C VAL D 128 17.97 -2.80 -10.07
N TYR D 129 17.20 -1.78 -10.47
CA TYR D 129 17.40 -0.41 -9.98
C TYR D 129 16.09 0.08 -9.37
N PRO D 130 15.84 -0.24 -8.09
CA PRO D 130 14.61 0.22 -7.46
C PRO D 130 14.50 1.73 -7.35
N LEU D 131 15.61 2.46 -7.32
CA LEU D 131 15.61 3.89 -7.01
C LEU D 131 16.34 4.72 -8.07
N LYS D 132 16.11 4.47 -9.35
CA LYS D 132 16.81 5.17 -10.41
C LYS D 132 15.98 5.11 -11.68
N PHE D 133 16.37 5.94 -12.66
CA PHE D 133 15.83 5.86 -14.02
C PHE D 133 14.31 5.87 -14.05
N PHE D 134 13.69 6.72 -13.23
CA PHE D 134 12.24 6.82 -13.28
C PHE D 134 11.76 7.42 -14.60
N PHE D 135 12.58 8.28 -15.21
CA PHE D 135 12.18 8.93 -16.45
C PHE D 135 11.89 7.90 -17.54
N LEU D 136 12.80 6.95 -17.75
CA LEU D 136 12.61 5.94 -18.79
C LEU D 136 11.42 5.05 -18.48
N ARG D 137 11.07 4.90 -17.20
CA ARG D 137 10.03 3.96 -16.83
C ARG D 137 8.65 4.57 -16.92
N THR D 138 8.55 5.84 -17.31
CA THR D 138 7.25 6.50 -17.37
C THR D 138 6.40 5.91 -18.49
N ARG D 139 5.09 5.96 -18.30
CA ARG D 139 4.16 5.42 -19.29
C ARG D 139 4.31 6.12 -20.64
N ARG D 140 4.37 7.46 -20.61
CA ARG D 140 4.44 8.22 -21.85
C ARG D 140 5.74 8.03 -22.60
N PHE D 141 6.79 7.52 -21.95
CA PHE D 141 7.99 7.14 -22.68
C PHE D 141 7.79 5.80 -23.37
N ALA D 142 7.11 4.88 -22.70
CA ALA D 142 6.81 3.60 -23.33
C ALA D 142 5.96 3.78 -24.57
N LEU D 143 4.98 4.69 -24.52
CA LEU D 143 4.15 4.93 -25.70
C LEU D 143 5.00 5.40 -26.87
N MET D 144 5.91 6.35 -26.62
CA MET D 144 6.77 6.84 -27.68
C MET D 144 7.63 5.72 -28.25
N VAL D 145 8.19 4.88 -27.38
CA VAL D 145 9.03 3.78 -27.87
C VAL D 145 8.23 2.84 -28.74
N SER D 146 7.01 2.50 -28.30
CA SER D 146 6.19 1.55 -29.07
C SER D 146 5.86 2.11 -30.44
N LEU D 147 5.41 3.37 -30.50
CA LEU D 147 5.08 3.96 -31.79
C LEU D 147 6.32 4.03 -32.68
N SER D 148 7.45 4.40 -32.09
CA SER D 148 8.68 4.53 -32.87
C SER D 148 9.07 3.20 -33.49
N ILE D 149 9.01 2.12 -32.71
CA ILE D 149 9.44 0.83 -33.23
C ILE D 149 8.46 0.34 -34.29
N TRP D 150 7.16 0.55 -34.07
CA TRP D 150 6.19 0.23 -35.11
C TRP D 150 6.56 0.91 -36.42
N ILE D 151 6.76 2.22 -36.39
CA ILE D 151 7.00 2.97 -37.62
C ILE D 151 8.30 2.53 -38.27
N LEU D 152 9.35 2.36 -37.46
CA LEU D 152 10.65 1.98 -38.01
C LEU D 152 10.58 0.63 -38.69
N GLU D 153 9.97 -0.36 -38.03
CA GLU D 153 9.90 -1.69 -38.62
C GLU D 153 9.07 -1.65 -39.90
N THR D 154 7.96 -0.89 -39.89
CA THR D 154 7.13 -0.82 -41.08
C THR D 154 7.90 -0.23 -42.26
N ILE D 155 8.59 0.89 -42.03
CA ILE D 155 9.28 1.55 -43.13
C ILE D 155 10.42 0.66 -43.63
N PHE D 156 11.10 -0.05 -42.74
CA PHE D 156 12.21 -0.87 -43.18
C PHE D 156 11.76 -2.18 -43.82
N ASN D 157 10.58 -2.69 -43.48
CA ASN D 157 10.07 -3.90 -44.12
C ASN D 157 9.17 -3.61 -45.30
N ALA D 158 8.88 -2.34 -45.59
CA ALA D 158 8.02 -2.04 -46.74
C ALA D 158 8.57 -2.61 -48.03
N VAL D 159 9.89 -2.77 -48.13
CA VAL D 159 10.53 -3.06 -49.42
C VAL D 159 9.80 -4.16 -50.17
N MET D 160 9.31 -5.19 -49.47
CA MET D 160 8.70 -6.31 -50.18
C MET D 160 7.34 -5.96 -50.75
N LEU D 161 6.64 -4.96 -50.21
CA LEU D 161 5.37 -4.56 -50.79
C LEU D 161 5.56 -4.05 -52.22
N TRP D 162 6.60 -3.25 -52.45
CA TRP D 162 6.84 -2.70 -53.78
C TRP D 162 7.12 -3.81 -54.79
N GLU D 163 7.92 -4.79 -54.40
CA GLU D 163 8.35 -5.82 -55.33
C GLU D 163 7.19 -6.77 -55.66
N ASP D 164 7.29 -7.41 -56.83
CA ASP D 164 6.30 -8.38 -57.28
C ASP D 164 6.61 -9.75 -56.67
N GLU D 165 6.18 -9.90 -55.41
CA GLU D 165 6.50 -11.10 -54.62
C GLU D 165 5.46 -12.20 -54.85
N THR D 166 5.52 -12.79 -56.05
CA THR D 166 4.69 -13.94 -56.38
C THR D 166 5.23 -14.55 -57.67
N VAL D 167 5.38 -15.87 -57.67
CA VAL D 167 6.01 -16.59 -58.77
C VAL D 167 5.21 -17.86 -59.07
N VAL D 168 5.39 -18.36 -60.30
CA VAL D 168 4.76 -19.59 -60.75
C VAL D 168 5.82 -20.49 -61.36
N GLU D 169 5.73 -21.78 -61.07
CA GLU D 169 6.67 -22.76 -61.58
C GLU D 169 5.95 -24.07 -61.89
N TYR D 170 6.58 -24.90 -62.70
CA TYR D 170 6.02 -26.15 -63.16
C TYR D 170 6.64 -27.33 -62.42
N CYS D 171 5.83 -28.33 -62.13
CA CYS D 171 6.28 -29.57 -61.52
C CYS D 171 6.18 -30.68 -62.55
N ASP D 172 7.33 -31.29 -62.86
CA ASP D 172 7.38 -32.31 -63.91
C ASP D 172 6.68 -33.59 -63.52
N ALA D 173 6.95 -34.12 -62.32
CA ALA D 173 6.30 -35.35 -61.89
C ALA D 173 4.79 -35.17 -61.73
N GLU D 174 4.37 -34.05 -61.15
CA GLU D 174 2.95 -33.77 -61.00
C GLU D 174 2.31 -33.39 -62.32
N LYS D 175 3.08 -32.77 -63.23
CA LYS D 175 2.59 -32.38 -64.55
C LYS D 175 1.52 -31.29 -64.44
N SER D 176 1.81 -30.26 -63.64
CA SER D 176 0.91 -29.12 -63.50
C SER D 176 1.69 -27.94 -62.95
N ASN D 177 1.11 -26.75 -63.12
CA ASN D 177 1.71 -25.54 -62.60
C ASN D 177 1.35 -25.36 -61.13
N PHE D 178 1.96 -24.37 -60.51
CA PHE D 178 1.63 -24.01 -59.14
C PHE D 178 2.06 -22.57 -58.88
N THR D 179 1.41 -21.95 -57.89
CA THR D 179 1.72 -20.60 -57.47
C THR D 179 2.48 -20.64 -56.16
N LEU D 180 3.69 -20.07 -56.16
CA LEU D 180 4.51 -19.98 -54.97
C LEU D 180 4.27 -18.63 -54.31
N CYS D 181 3.77 -18.65 -53.07
CA CYS D 181 3.49 -17.44 -52.34
C CYS D 181 4.73 -17.02 -51.56
N TYR D 182 5.04 -15.72 -51.61
CA TYR D 182 6.25 -15.18 -51.02
C TYR D 182 7.51 -15.82 -51.60
N ASP D 183 8.16 -16.68 -50.83
CA ASP D 183 9.53 -17.08 -51.12
C ASP D 183 9.59 -18.06 -52.28
N LYS D 184 10.74 -18.06 -52.95
CA LYS D 184 11.03 -19.00 -54.03
C LYS D 184 12.30 -19.76 -53.69
N TYR D 185 12.77 -20.55 -54.65
CA TYR D 185 14.05 -21.22 -54.55
C TYR D 185 14.69 -21.22 -55.94
N PRO D 186 15.87 -20.62 -56.12
CA PRO D 186 16.72 -19.94 -55.12
C PRO D 186 16.20 -18.55 -54.74
N LEU D 187 16.78 -17.94 -53.72
CA LEU D 187 16.31 -16.65 -53.25
C LEU D 187 16.63 -15.55 -54.26
N GLU D 188 15.71 -14.60 -54.40
CA GLU D 188 15.96 -13.41 -55.21
C GLU D 188 16.85 -12.45 -54.45
N LYS D 189 17.64 -11.68 -55.20
CA LYS D 189 18.66 -10.84 -54.57
C LYS D 189 18.06 -9.88 -53.56
N TRP D 190 16.94 -9.24 -53.92
CA TRP D 190 16.32 -8.31 -52.99
C TRP D 190 15.82 -9.04 -51.74
N GLN D 191 15.35 -10.28 -51.90
CA GLN D 191 14.98 -11.07 -50.73
C GLN D 191 16.18 -11.31 -49.83
N ILE D 192 17.33 -11.61 -50.42
CA ILE D 192 18.54 -11.83 -49.62
C ILE D 192 18.91 -10.56 -48.86
N ASN D 193 18.89 -9.42 -49.56
CA ASN D 193 19.23 -8.16 -48.92
C ASN D 193 18.27 -7.84 -47.79
N LEU D 194 16.97 -8.08 -48.01
CA LEU D 194 15.98 -7.85 -46.95
C LEU D 194 16.25 -8.75 -45.76
N ASN D 195 16.47 -10.05 -46.01
CA ASN D 195 16.59 -11.00 -44.92
C ASN D 195 17.84 -10.80 -44.09
N LEU D 196 18.96 -10.40 -44.71
CA LEU D 196 20.15 -10.12 -43.92
C LEU D 196 19.86 -9.07 -42.85
N PHE D 197 19.31 -7.92 -43.28
CA PHE D 197 19.00 -6.85 -42.35
C PHE D 197 17.96 -7.29 -41.33
N ARG D 198 16.92 -7.99 -41.80
CA ARG D 198 15.86 -8.40 -40.89
C ARG D 198 16.37 -9.33 -39.81
N THR D 199 17.22 -10.29 -40.16
CA THR D 199 17.88 -11.09 -39.12
C THR D 199 18.63 -10.19 -38.17
N CYS D 200 19.62 -9.46 -38.68
CA CYS D 200 20.55 -8.76 -37.79
C CYS D 200 19.82 -7.78 -36.88
N THR D 201 18.61 -7.36 -37.29
CA THR D 201 17.89 -6.38 -36.48
C THR D 201 16.90 -7.05 -35.53
N GLY D 202 16.15 -8.03 -36.03
CA GLY D 202 15.03 -8.57 -35.28
C GLY D 202 15.31 -9.83 -34.47
N TYR D 203 16.45 -10.49 -34.70
CA TYR D 203 16.73 -11.70 -33.93
C TYR D 203 17.95 -11.54 -33.04
N ALA D 204 19.06 -11.07 -33.61
CA ALA D 204 20.30 -10.98 -32.85
C ALA D 204 20.14 -10.07 -31.63
N ILE D 205 19.57 -8.88 -31.84
CA ILE D 205 19.47 -7.92 -30.74
C ILE D 205 18.57 -8.42 -29.63
N PRO D 206 17.35 -8.91 -29.88
CA PRO D 206 16.54 -9.43 -28.77
C PRO D 206 17.22 -10.55 -27.99
N LEU D 207 17.95 -11.42 -28.70
CA LEU D 207 18.52 -12.59 -28.04
C LEU D 207 19.53 -12.19 -26.98
N VAL D 208 20.45 -11.30 -27.34
CA VAL D 208 21.48 -10.91 -26.37
C VAL D 208 20.85 -10.18 -25.19
N THR D 209 19.81 -9.40 -25.45
CA THR D 209 19.23 -8.56 -24.41
C THR D 209 18.42 -9.37 -23.40
N ILE D 210 17.59 -10.31 -23.88
CA ILE D 210 16.74 -11.05 -22.94
C ILE D 210 17.58 -11.89 -21.98
N LEU D 211 18.62 -12.54 -22.50
CA LEU D 211 19.48 -13.34 -21.63
C LEU D 211 20.08 -12.47 -20.53
N ILE D 212 20.62 -11.31 -20.91
CA ILE D 212 21.25 -10.42 -19.92
C ILE D 212 20.22 -9.99 -18.89
N CYS D 213 19.05 -9.56 -19.34
CA CYS D 213 18.05 -9.05 -18.41
C CYS D 213 17.62 -10.12 -17.41
N ASN D 214 17.30 -11.32 -17.91
CA ASN D 214 16.81 -12.37 -17.01
C ASN D 214 17.92 -12.86 -16.08
N ARG D 215 19.16 -12.93 -16.56
CA ARG D 215 20.25 -13.29 -15.69
C ARG D 215 20.39 -12.30 -14.55
N LYS D 216 20.30 -11.00 -14.87
CA LYS D 216 20.42 -9.98 -13.83
C LYS D 216 19.26 -10.07 -12.85
N VAL D 217 18.04 -10.32 -13.34
CA VAL D 217 16.89 -10.39 -12.45
C VAL D 217 17.02 -11.58 -11.49
N TYR D 218 17.43 -12.74 -12.01
CA TYR D 218 17.65 -13.88 -11.13
C TYR D 218 18.76 -13.60 -10.12
N GLN D 219 19.84 -12.93 -10.58
CA GLN D 219 20.91 -12.57 -9.66
C GLN D 219 20.37 -11.74 -8.52
N ALA D 220 19.55 -10.75 -8.82
CA ALA D 220 18.98 -9.92 -7.77
C ALA D 220 18.10 -10.75 -6.84
N VAL D 221 17.26 -11.62 -7.41
CA VAL D 221 16.33 -12.37 -6.58
C VAL D 221 17.09 -13.26 -5.60
N ARG D 222 18.12 -13.93 -6.07
CA ARG D 222 18.96 -14.73 -5.18
C ARG D 222 19.65 -13.84 -4.15
N HIS D 223 20.03 -12.62 -4.55
CA HIS D 223 20.66 -11.68 -3.64
C HIS D 223 19.66 -10.99 -2.73
N ASN D 224 18.36 -11.23 -2.94
CA ASN D 224 17.33 -10.59 -2.12
C ASN D 224 17.38 -11.12 -0.69
N LYS D 225 16.89 -10.30 0.25
CA LYS D 225 17.03 -10.63 1.66
C LYS D 225 15.74 -11.20 2.25
N ALA D 226 14.60 -10.65 1.86
CA ALA D 226 13.32 -10.95 2.51
C ALA D 226 12.50 -12.00 1.76
N THR D 227 13.15 -12.95 1.09
CA THR D 227 12.47 -13.98 0.31
C THR D 227 12.77 -15.36 0.89
N GLU D 228 11.76 -16.21 0.95
CA GLU D 228 11.92 -17.57 1.43
C GLU D 228 12.32 -18.50 0.30
N ASN D 229 12.53 -19.78 0.64
CA ASN D 229 13.00 -20.73 -0.36
C ASN D 229 11.97 -20.94 -1.47
N LYS D 230 10.69 -21.06 -1.10
CA LYS D 230 9.67 -21.41 -2.08
C LYS D 230 9.57 -20.35 -3.17
N GLU D 231 9.55 -19.07 -2.77
CA GLU D 231 9.43 -18.00 -3.75
C GLU D 231 10.64 -17.98 -4.68
N LYS D 232 11.83 -18.19 -4.13
CA LYS D 232 13.03 -18.27 -4.96
C LYS D 232 12.91 -19.40 -5.98
N LYS D 233 12.45 -20.57 -5.53
CA LYS D 233 12.32 -21.70 -6.44
C LYS D 233 11.32 -21.40 -7.55
N ARG D 234 10.19 -20.79 -7.19
CA ARG D 234 9.21 -20.44 -8.21
C ARG D 234 9.78 -19.43 -9.20
N ILE D 235 10.55 -18.46 -8.71
CA ILE D 235 11.12 -17.45 -9.60
C ILE D 235 12.10 -18.08 -10.57
N ILE D 236 12.99 -18.94 -10.06
CA ILE D 236 13.97 -19.56 -10.95
C ILE D 236 13.26 -20.41 -11.99
N LYS D 237 12.19 -21.10 -11.57
CA LYS D 237 11.41 -21.89 -12.52
C LYS D 237 10.88 -21.00 -13.64
N LEU D 238 10.27 -19.87 -13.28
CA LEU D 238 9.69 -19.00 -14.30
C LEU D 238 10.76 -18.46 -15.25
N LEU D 239 11.88 -17.99 -14.72
CA LEU D 239 12.89 -17.39 -15.58
C LEU D 239 13.49 -18.44 -16.52
N VAL D 240 13.78 -19.63 -16.00
CA VAL D 240 14.31 -20.69 -16.85
C VAL D 240 13.31 -21.03 -17.94
N SER D 241 12.02 -21.10 -17.57
CA SER D 241 10.98 -21.39 -18.55
C SER D 241 10.99 -20.37 -19.68
N ILE D 242 11.06 -19.09 -19.32
CA ILE D 242 10.98 -18.04 -20.34
C ILE D 242 12.18 -18.14 -21.29
N THR D 243 13.38 -18.26 -20.73
CA THR D 243 14.57 -18.30 -21.57
C THR D 243 14.54 -19.49 -22.52
N VAL D 244 14.21 -20.67 -21.97
CA VAL D 244 14.19 -21.88 -22.81
C VAL D 244 13.14 -21.75 -23.90
N THR D 245 11.96 -21.23 -23.55
CA THR D 245 10.92 -21.05 -24.55
C THR D 245 11.39 -20.18 -25.70
N PHE D 246 11.94 -19.01 -25.39
CA PHE D 246 12.42 -18.14 -26.46
C PHE D 246 13.42 -18.86 -27.34
N VAL D 247 14.44 -19.47 -26.73
CA VAL D 247 15.51 -20.07 -27.51
C VAL D 247 14.94 -21.15 -28.44
N LEU D 248 14.16 -22.07 -27.86
CA LEU D 248 13.65 -23.18 -28.65
C LEU D 248 12.74 -22.71 -29.77
N CYS D 249 11.85 -21.76 -29.49
CA CYS D 249 10.91 -21.32 -30.50
C CYS D 249 11.64 -20.65 -31.67
N PHE D 250 12.66 -19.84 -31.37
CA PHE D 250 13.15 -18.96 -32.43
C PHE D 250 14.42 -19.48 -33.13
N THR D 251 15.40 -19.99 -32.39
CA THR D 251 16.73 -20.13 -32.98
C THR D 251 16.77 -20.92 -34.28
N PRO D 252 16.11 -22.09 -34.37
CA PRO D 252 16.32 -22.92 -35.56
C PRO D 252 15.93 -22.25 -36.86
N PHE D 253 14.83 -21.49 -36.86
CA PHE D 253 14.37 -20.87 -38.10
C PHE D 253 15.38 -19.87 -38.61
N HIS D 254 15.92 -19.03 -37.72
CA HIS D 254 16.93 -18.07 -38.16
C HIS D 254 18.20 -18.78 -38.61
N VAL D 255 18.56 -19.88 -37.95
CA VAL D 255 19.72 -20.64 -38.39
C VAL D 255 19.53 -21.11 -39.83
N MET D 256 18.39 -21.74 -40.11
CA MET D 256 18.13 -22.25 -41.46
C MET D 256 18.03 -21.11 -42.46
N LEU D 257 17.41 -20.00 -42.05
CA LEU D 257 17.27 -18.86 -42.95
C LEU D 257 18.63 -18.30 -43.34
N LEU D 258 19.54 -18.20 -42.38
CA LEU D 258 20.90 -17.74 -42.69
C LEU D 258 21.60 -18.75 -43.60
N ILE D 259 21.40 -20.03 -43.34
CA ILE D 259 22.02 -21.05 -44.19
C ILE D 259 21.57 -20.87 -45.63
N ARG D 260 20.26 -20.71 -45.83
CA ARG D 260 19.74 -20.48 -47.17
C ARG D 260 20.33 -19.21 -47.77
N CYS D 261 20.24 -18.10 -47.02
CA CYS D 261 20.66 -16.80 -47.54
C CYS D 261 22.12 -16.84 -47.98
N ILE D 262 22.96 -17.59 -47.28
CA ILE D 262 24.38 -17.60 -47.62
C ILE D 262 24.68 -18.59 -48.74
N LEU D 263 24.11 -19.79 -48.65
CA LEU D 263 24.47 -20.82 -49.62
C LEU D 263 23.87 -20.54 -50.99
N GLU D 264 22.59 -20.17 -51.05
CA GLU D 264 21.97 -19.88 -52.34
C GLU D 264 22.71 -18.78 -53.08
N HIS D 265 23.29 -17.82 -52.35
CA HIS D 265 24.12 -16.80 -53.00
C HIS D 265 25.47 -17.36 -53.39
N ALA D 266 26.05 -18.21 -52.53
CA ALA D 266 27.42 -18.68 -52.74
C ALA D 266 27.50 -20.04 -53.43
N VAL D 267 26.40 -20.78 -53.51
CA VAL D 267 26.42 -22.14 -54.04
C VAL D 267 25.79 -22.15 -55.42
N ASN D 268 26.45 -22.84 -56.35
CA ASN D 268 25.88 -23.02 -57.69
C ASN D 268 24.58 -23.80 -57.62
N PHE D 269 23.63 -23.45 -58.49
CA PHE D 269 22.29 -24.00 -58.40
C PHE D 269 22.16 -25.37 -59.06
N GLU D 270 23.22 -25.89 -59.68
CA GLU D 270 23.17 -27.23 -60.25
C GLU D 270 23.39 -28.32 -59.22
N ASP D 271 23.85 -27.98 -58.02
CA ASP D 271 23.91 -28.92 -56.90
C ASP D 271 22.51 -29.07 -56.33
N HIS D 272 21.71 -29.89 -57.01
CA HIS D 272 20.27 -29.90 -56.79
C HIS D 272 19.89 -30.72 -55.57
N SER D 273 20.20 -32.02 -55.60
CA SER D 273 19.54 -32.97 -54.70
C SER D 273 19.60 -32.49 -53.25
N ASN D 274 20.81 -32.43 -52.68
CA ASN D 274 20.94 -32.11 -51.26
C ASN D 274 20.29 -30.77 -50.95
N SER D 275 20.78 -29.69 -51.57
CA SER D 275 20.23 -28.38 -51.28
C SER D 275 18.71 -28.38 -51.43
N GLY D 276 18.22 -28.56 -52.66
CA GLY D 276 16.81 -28.36 -52.93
C GLY D 276 15.92 -29.22 -52.06
N LYS D 277 16.27 -30.49 -51.89
CA LYS D 277 15.36 -31.39 -51.18
C LYS D 277 15.47 -31.22 -49.67
N ARG D 278 16.69 -31.24 -49.12
CA ARG D 278 16.84 -31.29 -47.68
C ARG D 278 16.78 -29.90 -47.06
N THR D 279 17.56 -28.94 -47.59
CA THR D 279 17.67 -27.65 -46.92
C THR D 279 16.34 -26.90 -46.92
N TYR D 280 15.66 -26.88 -48.06
CA TYR D 280 14.38 -26.19 -48.13
C TYR D 280 13.36 -26.85 -47.21
N THR D 281 13.34 -28.18 -47.18
CA THR D 281 12.39 -28.88 -46.32
C THR D 281 12.65 -28.58 -44.85
N MET D 282 13.92 -28.59 -44.44
CA MET D 282 14.25 -28.28 -43.05
C MET D 282 13.91 -26.83 -42.72
N TYR D 283 14.15 -25.92 -43.66
CA TYR D 283 13.78 -24.53 -43.45
C TYR D 283 12.28 -24.39 -43.23
N ARG D 284 11.48 -25.10 -44.04
CA ARG D 284 10.03 -25.07 -43.85
C ARG D 284 9.64 -25.67 -42.51
N ILE D 285 10.30 -26.76 -42.10
CA ILE D 285 9.98 -27.37 -40.82
C ILE D 285 10.24 -26.38 -39.69
N THR D 286 11.37 -25.68 -39.75
CA THR D 286 11.67 -24.70 -38.71
C THR D 286 10.70 -23.53 -38.73
N VAL D 287 10.28 -23.12 -39.93
CA VAL D 287 9.26 -22.07 -40.02
C VAL D 287 7.99 -22.52 -39.32
N ALA D 288 7.59 -23.77 -39.53
CA ALA D 288 6.42 -24.30 -38.82
C ALA D 288 6.66 -24.29 -37.31
N LEU D 289 7.88 -24.67 -36.89
CA LEU D 289 8.17 -24.73 -35.46
C LEU D 289 8.05 -23.37 -34.80
N THR D 290 8.50 -22.32 -35.47
CA THR D 290 8.55 -21.00 -34.84
C THR D 290 7.19 -20.57 -34.33
N SER D 291 6.11 -21.07 -34.91
CA SER D 291 4.78 -20.59 -34.56
C SER D 291 4.43 -20.87 -33.10
N LEU D 292 5.13 -21.80 -32.44
CA LEU D 292 4.77 -22.16 -31.07
C LEU D 292 5.00 -21.03 -30.08
N ASN D 293 5.79 -20.03 -30.45
CA ASN D 293 6.02 -18.91 -29.55
C ASN D 293 4.72 -18.19 -29.23
N CYS D 294 3.79 -18.14 -30.19
CA CYS D 294 2.51 -17.50 -29.94
C CYS D 294 1.75 -18.18 -28.81
N VAL D 295 1.76 -19.51 -28.77
CA VAL D 295 1.17 -20.23 -27.65
C VAL D 295 1.95 -20.02 -26.38
N ALA D 296 3.28 -20.05 -26.47
CA ALA D 296 4.09 -20.08 -25.26
C ALA D 296 4.06 -18.75 -24.52
N ASP D 297 4.14 -17.63 -25.24
CA ASP D 297 4.32 -16.34 -24.58
C ASP D 297 3.18 -15.99 -23.64
N PRO D 298 1.90 -16.07 -24.04
CA PRO D 298 0.83 -15.73 -23.10
C PRO D 298 0.91 -16.50 -21.81
N ILE D 299 1.10 -17.82 -21.88
CA ILE D 299 1.12 -18.64 -20.68
C ILE D 299 2.15 -18.08 -19.70
N LEU D 300 3.43 -18.09 -20.09
CA LEU D 300 4.49 -17.70 -19.18
C LEU D 300 4.31 -16.27 -18.69
N TYR D 301 3.94 -15.35 -19.57
CA TYR D 301 4.00 -13.95 -19.19
C TYR D 301 2.81 -13.54 -18.32
N CYS D 302 1.67 -14.21 -18.47
CA CYS D 302 0.48 -13.76 -17.75
C CYS D 302 -0.03 -14.82 -16.77
N PHE D 303 -0.29 -16.04 -17.27
CA PHE D 303 -1.16 -16.95 -16.54
C PHE D 303 -0.46 -17.57 -15.34
N VAL D 304 0.82 -17.90 -15.48
CA VAL D 304 1.49 -18.69 -14.45
C VAL D 304 1.53 -17.96 -13.12
N THR D 305 1.48 -16.63 -13.13
CA THR D 305 1.76 -15.85 -11.93
C THR D 305 0.65 -14.90 -11.52
N GLU D 306 -0.08 -14.31 -12.45
CA GLU D 306 -0.95 -13.18 -12.18
C GLU D 306 -2.38 -13.64 -11.99
N THR D 307 -2.97 -13.25 -10.84
CA THR D 307 -4.38 -13.52 -10.61
C THR D 307 -5.27 -12.47 -11.25
N GLY D 308 -4.69 -11.33 -11.66
CA GLY D 308 -5.48 -10.29 -12.28
C GLY D 308 -6.18 -10.75 -13.54
N ARG D 309 -5.75 -11.88 -14.11
CA ARG D 309 -6.47 -12.49 -15.22
C ARG D 309 -7.89 -12.84 -14.81
N TYR D 310 -8.06 -13.45 -13.64
CA TYR D 310 -9.39 -13.75 -13.15
C TYR D 310 -10.20 -12.47 -12.95
N ASP D 311 -9.56 -11.42 -12.44
CA ASP D 311 -10.25 -10.15 -12.23
C ASP D 311 -10.73 -9.58 -13.57
N MET D 312 -9.89 -9.63 -14.60
CA MET D 312 -10.29 -9.10 -15.90
C MET D 312 -11.43 -9.92 -16.48
N TRP D 313 -11.38 -11.24 -16.30
CA TRP D 313 -12.49 -12.08 -16.76
C TRP D 313 -13.78 -11.69 -16.05
N ASN D 314 -13.71 -11.46 -14.74
CA ASN D 314 -14.90 -11.02 -14.01
C ASN D 314 -15.40 -9.68 -14.55
N ILE D 315 -14.48 -8.76 -14.83
CA ILE D 315 -14.87 -7.44 -15.34
C ILE D 315 -15.58 -7.58 -16.69
N LEU D 316 -15.02 -8.39 -17.58
CA LEU D 316 -15.58 -8.57 -18.92
C LEU D 316 -16.95 -9.25 -18.84
#